data_7C3D
#
_entry.id   7C3D
#
_cell.length_a   72.707
_cell.length_b   79.054
_cell.length_c   135.066
_cell.angle_alpha   90.000
_cell.angle_beta   90.000
_cell.angle_gamma   90.000
#
_symmetry.space_group_name_H-M   'P 21 21 21'
#
loop_
_entity.id
_entity.type
_entity.pdbx_description
1 polymer AofleA
2 non-polymer beta-D-arabinopyranose
3 non-polymer alpha-D-arabinopyranose
4 non-polymer GLYCEROL
5 water water
#
_entity_poly.entity_id   1
_entity_poly.type   'polypeptide(L)'
_entity_poly.pdbx_seq_one_letter_code
;MAPVEFPKSLRASSHSSEGGTTKEEDIYGYELLYRSAFASYIAPTGAWNLVWFQAADGSIKQARWYGEWVISTVLAPGKA
LQGTPLTALLWGPQDTVRLYYLSPQFELQEWCWDTKNGADNKYDGALNAAKVKVAPYSKLGAVSFGGANLRVYYQGTNNK
LEEYTFGGGQGWKKGATLPGDPLPGTYISFVNRNKWDANPPSIRGYFQTVTGSLAEQVWETGGWRIGQFVIPAAPFLTPI
SATVSPEKDFPKIHVYWLSVESTIIESVNWHGWKAPKQIDNISVVKADISATSFTRDDGTVDVRIYGTAQLNVLFERIFR
YGVWEEKIHSISVGKEIPIEVVGVAAALEHHHHHH
;
_entity_poly.pdbx_strand_id   A,B
#
# COMPACT_ATOMS: atom_id res chain seq x y z
N PRO A 3 20.86 9.79 -1.99
CA PRO A 3 19.74 10.06 -1.08
C PRO A 3 18.42 9.67 -1.70
N VAL A 4 17.35 9.70 -0.93
CA VAL A 4 16.01 9.63 -1.51
C VAL A 4 15.49 11.05 -1.71
N GLU A 5 14.66 11.21 -2.74
CA GLU A 5 14.06 12.49 -3.07
C GLU A 5 12.71 12.65 -2.40
N PHE A 6 12.42 13.85 -1.93
CA PHE A 6 11.16 14.20 -1.29
C PHE A 6 10.73 15.55 -1.82
N PRO A 7 9.42 15.81 -1.95
CA PRO A 7 8.99 17.11 -2.47
C PRO A 7 9.51 18.26 -1.61
N LYS A 8 10.15 19.23 -2.28
CA LYS A 8 10.84 20.31 -1.58
C LYS A 8 9.89 21.14 -0.72
N SER A 9 8.64 21.30 -1.15
CA SER A 9 7.68 22.14 -0.45
C SER A 9 7.07 21.46 0.77
N LEU A 10 7.34 20.18 0.99
CA LEU A 10 6.79 19.44 2.12
C LEU A 10 7.88 19.19 3.16
N ARG A 11 7.47 19.11 4.42
CA ARG A 11 8.38 18.77 5.52
C ARG A 11 8.26 17.28 5.83
N ALA A 12 9.39 16.57 5.81
CA ALA A 12 9.40 15.14 6.09
C ALA A 12 9.42 14.80 7.57
N SER A 13 9.86 15.72 8.43
CA SER A 13 10.06 15.41 9.85
C SER A 13 10.00 16.71 10.63
N SER A 14 9.95 16.57 11.96
CA SER A 14 9.96 17.76 12.79
C SER A 14 11.32 18.47 12.77
N HIS A 15 12.36 17.84 12.24
CA HIS A 15 13.65 18.50 12.07
C HIS A 15 13.90 18.96 10.64
N SER A 16 12.88 18.90 9.78
CA SER A 16 12.97 19.51 8.45
C SER A 16 13.11 21.02 8.57
N SER A 17 13.66 21.63 7.52
CA SER A 17 13.71 23.08 7.43
CA SER A 17 13.72 23.08 7.45
C SER A 17 12.31 23.67 7.52
N GLU A 18 12.23 24.93 7.95
CA GLU A 18 10.93 25.56 8.15
C GLU A 18 10.13 25.65 6.86
N GLY A 19 10.81 25.88 5.74
CA GLY A 19 10.12 26.04 4.48
C GLY A 19 9.92 24.78 3.67
N GLY A 20 10.25 23.62 4.21
CA GLY A 20 10.20 22.38 3.47
C GLY A 20 11.41 21.54 3.79
N THR A 21 11.61 20.48 3.00
CA THR A 21 12.76 19.61 3.17
C THR A 21 13.92 20.14 2.34
N THR A 22 15.08 20.26 2.97
CA THR A 22 16.31 20.59 2.25
C THR A 22 17.22 19.38 2.19
N LYS A 23 17.93 19.09 3.28
CA LYS A 23 18.72 17.88 3.41
C LYS A 23 18.63 17.43 4.86
N GLU A 24 18.28 16.15 5.06
CA GLU A 24 18.13 15.63 6.41
C GLU A 24 18.27 14.12 6.37
N GLU A 25 18.32 13.52 7.56
CA GLU A 25 18.40 12.08 7.72
CA GLU A 25 18.40 12.08 7.70
C GLU A 25 17.10 11.58 8.31
N ASP A 26 16.48 10.60 7.66
CA ASP A 26 15.27 10.00 8.21
C ASP A 26 15.45 8.49 8.30
N ILE A 27 14.49 7.83 8.94
CA ILE A 27 14.64 6.43 9.34
C ILE A 27 13.67 5.56 8.57
N TYR A 28 14.17 4.41 8.13
CA TYR A 28 13.38 3.35 7.53
C TYR A 28 13.38 2.17 8.50
N GLY A 29 12.25 1.96 9.17
CA GLY A 29 12.09 0.77 9.98
C GLY A 29 11.50 -0.33 9.11
N TYR A 30 12.34 -1.24 8.62
CA TYR A 30 11.85 -2.12 7.57
C TYR A 30 11.17 -3.38 8.10
N GLU A 31 11.07 -3.55 9.42
CA GLU A 31 10.28 -4.64 9.98
C GLU A 31 8.88 -4.19 10.36
N LEU A 32 8.53 -2.94 10.10
CA LEU A 32 7.16 -2.47 10.13
C LEU A 32 6.60 -2.60 8.72
N LEU A 33 5.44 -3.25 8.58
CA LEU A 33 4.80 -3.33 7.27
C LEU A 33 4.68 -1.92 6.70
N TYR A 34 5.09 -1.73 5.45
CA TYR A 34 4.93 -0.42 4.86
C TYR A 34 3.46 -0.07 4.76
N ARG A 35 3.09 1.08 5.34
CA ARG A 35 1.68 1.52 5.40
C ARG A 35 0.86 0.58 6.29
N SER A 36 1.44 0.16 7.41
CA SER A 36 0.73 -0.70 8.36
C SER A 36 -0.57 -0.05 8.84
N ALA A 37 -1.57 -0.89 9.10
CA ALA A 37 -2.70 -0.42 9.89
C ALA A 37 -2.26 -0.19 11.33
N PHE A 38 -2.99 0.70 12.02
CA PHE A 38 -2.78 0.92 13.45
C PHE A 38 -4.09 0.92 14.21
N ALA A 39 -4.05 0.31 15.39
CA ALA A 39 -5.09 0.48 16.40
C ALA A 39 -4.42 0.89 17.69
N SER A 40 -5.19 1.51 18.59
CA SER A 40 -4.58 2.00 19.81
C SER A 40 -5.65 2.18 20.89
N TYR A 41 -5.18 2.16 22.14
CA TYR A 41 -6.02 2.54 23.27
C TYR A 41 -5.11 2.99 24.40
N ILE A 42 -5.28 4.21 24.87
CA ILE A 42 -4.59 4.68 26.07
C ILE A 42 -5.49 4.40 27.27
N ALA A 43 -4.89 3.98 28.37
CA ALA A 43 -5.69 3.72 29.57
C ALA A 43 -6.47 4.97 29.96
N PRO A 44 -7.70 4.83 30.46
CA PRO A 44 -8.47 6.00 30.90
C PRO A 44 -7.79 6.81 31.98
N THR A 45 -6.85 6.20 32.72
CA THR A 45 -6.03 6.90 33.71
C THR A 45 -4.79 7.54 33.11
N GLY A 46 -4.48 7.25 31.85
CA GLY A 46 -3.21 7.66 31.26
C GLY A 46 -2.00 6.85 31.72
N ALA A 47 -2.21 5.80 32.52
CA ALA A 47 -1.08 5.09 33.12
C ALA A 47 -0.25 4.34 32.09
N TRP A 48 -0.87 3.84 31.03
CA TRP A 48 -0.16 3.05 30.04
C TRP A 48 -0.89 3.17 28.71
N ASN A 49 -0.21 2.72 27.66
CA ASN A 49 -0.65 2.86 26.27
C ASN A 49 -0.54 1.52 25.58
N LEU A 50 -1.50 1.21 24.70
CA LEU A 50 -1.40 0.05 23.83
C LEU A 50 -1.52 0.52 22.38
N VAL A 51 -0.64 0.01 21.53
CA VAL A 51 -0.70 0.28 20.10
C VAL A 51 -0.50 -1.06 19.40
N TRP A 52 -1.30 -1.33 18.38
CA TRP A 52 -1.13 -2.54 17.58
C TRP A 52 -0.86 -2.19 16.12
N PHE A 53 -0.06 -3.03 15.47
CA PHE A 53 0.40 -2.77 14.11
C PHE A 53 0.76 -4.10 13.48
N GLN A 54 1.01 -4.06 12.19
CA GLN A 54 1.39 -5.26 11.45
C GLN A 54 2.87 -5.19 11.14
N ALA A 55 3.59 -6.24 11.49
CA ALA A 55 5.00 -6.33 11.14
C ALA A 55 5.14 -6.71 9.67
N ALA A 56 6.36 -6.56 9.16
CA ALA A 56 6.60 -6.89 7.77
C ALA A 56 6.24 -8.34 7.45
N ASP A 57 6.46 -9.27 8.40
CA ASP A 57 6.16 -10.67 8.16
C ASP A 57 4.67 -10.99 8.35
N GLY A 58 3.83 -9.97 8.54
CA GLY A 58 2.41 -10.17 8.64
C GLY A 58 1.89 -10.45 10.04
N SER A 59 2.77 -10.76 11.01
CA SER A 59 2.30 -10.91 12.37
C SER A 59 1.72 -9.59 12.86
N ILE A 60 0.81 -9.68 13.83
CA ILE A 60 0.28 -8.49 14.48
C ILE A 60 1.02 -8.32 15.79
N LYS A 61 1.60 -7.16 15.98
CA LYS A 61 2.42 -6.90 17.15
C LYS A 61 1.78 -5.80 18.00
N GLN A 62 2.27 -5.69 19.22
CA GLN A 62 1.79 -4.75 20.21
C GLN A 62 2.96 -3.92 20.72
N ALA A 63 2.78 -2.61 20.74
CA ALA A 63 3.68 -1.69 21.43
C ALA A 63 2.96 -1.23 22.68
N ARG A 64 3.50 -1.57 23.85
CA ARG A 64 2.90 -1.18 25.12
C ARG A 64 3.82 -0.18 25.81
N TRP A 65 3.27 0.99 26.15
CA TRP A 65 4.04 1.98 26.92
C TRP A 65 3.68 1.84 28.39
N TYR A 66 4.71 1.58 29.22
CA TYR A 66 4.52 1.60 30.67
C TYR A 66 5.85 2.11 31.21
N GLY A 67 5.99 3.44 31.22
CA GLY A 67 7.30 4.03 31.51
C GLY A 67 8.23 4.02 30.32
N GLU A 68 8.21 2.93 29.56
CA GLU A 68 9.01 2.73 28.35
C GLU A 68 8.19 1.88 27.39
N TRP A 69 8.54 1.93 26.10
CA TRP A 69 7.87 1.09 25.11
C TRP A 69 8.44 -0.31 25.09
N VAL A 70 7.56 -1.31 25.04
CA VAL A 70 7.93 -2.73 24.94
C VAL A 70 7.12 -3.35 23.80
N ILE A 71 7.81 -4.06 22.89
CA ILE A 71 7.19 -4.70 21.73
C ILE A 71 6.97 -6.17 22.01
N SER A 72 5.79 -6.67 21.66
CA SER A 72 5.47 -8.10 21.75
C SER A 72 4.64 -8.50 20.54
N THR A 73 4.47 -9.80 20.35
CA THR A 73 3.67 -10.36 19.27
C THR A 73 2.35 -10.89 19.84
N VAL A 74 1.23 -10.45 19.27
CA VAL A 74 -0.05 -10.94 19.73
C VAL A 74 -0.68 -11.93 18.75
N LEU A 75 -0.39 -11.85 17.46
CA LEU A 75 -0.93 -12.77 16.47
C LEU A 75 0.20 -13.22 15.56
N ALA A 76 0.40 -14.53 15.49
CA ALA A 76 1.47 -15.08 14.69
C ALA A 76 1.29 -14.77 13.20
N PRO A 77 2.36 -14.85 12.41
CA PRO A 77 2.21 -14.75 10.96
C PRO A 77 1.23 -15.81 10.47
N GLY A 78 0.42 -15.44 9.49
CA GLY A 78 -0.56 -16.32 8.90
C GLY A 78 -1.98 -16.13 9.42
N LYS A 79 -2.14 -15.50 10.58
CA LYS A 79 -3.47 -15.29 11.14
C LYS A 79 -4.21 -14.17 10.40
N ALA A 80 -3.49 -13.13 9.99
CA ALA A 80 -4.09 -11.91 9.48
C ALA A 80 -3.76 -11.71 8.01
N LEU A 81 -4.73 -11.15 7.28
CA LEU A 81 -4.50 -10.65 5.93
C LEU A 81 -3.27 -9.76 5.90
N GLN A 82 -2.46 -9.89 4.86
CA GLN A 82 -1.36 -8.93 4.69
C GLN A 82 -1.96 -7.59 4.30
N GLY A 83 -1.79 -6.59 5.17
CA GLY A 83 -2.52 -5.33 5.00
C GLY A 83 -3.84 -5.26 5.74
N THR A 84 -4.05 -6.11 6.73
CA THR A 84 -5.32 -6.11 7.47
C THR A 84 -5.59 -4.74 8.10
N PRO A 85 -6.85 -4.32 8.16
CA PRO A 85 -7.21 -3.24 9.07
C PRO A 85 -7.18 -3.74 10.50
N LEU A 86 -7.19 -2.79 11.42
CA LEU A 86 -7.13 -3.07 12.85
C LEU A 86 -7.99 -2.07 13.61
N THR A 87 -8.70 -2.55 14.63
CA THR A 87 -9.40 -1.64 15.53
C THR A 87 -9.56 -2.33 16.89
N ALA A 88 -9.55 -1.53 17.97
CA ALA A 88 -9.45 -2.09 19.31
C ALA A 88 -10.51 -1.56 20.26
N LEU A 89 -10.82 -2.38 21.27
CA LEU A 89 -11.72 -2.02 22.37
C LEU A 89 -11.01 -2.25 23.69
N LEU A 90 -11.39 -1.46 24.70
CA LEU A 90 -10.84 -1.59 26.05
C LEU A 90 -11.92 -1.22 27.04
N TRP A 91 -12.21 -2.12 27.99
CA TRP A 91 -13.19 -1.78 29.02
C TRP A 91 -12.87 -2.52 30.31
N GLY A 92 -13.66 -2.26 31.36
CA GLY A 92 -13.56 -3.01 32.58
C GLY A 92 -13.33 -2.29 33.91
N PRO A 93 -12.86 -1.03 33.93
CA PRO A 93 -12.58 0.00 32.91
C PRO A 93 -11.39 -0.28 32.00
N GLN A 94 -10.42 -1.12 32.40
CA GLN A 94 -9.22 -1.24 31.56
C GLN A 94 -8.54 -2.59 31.76
N ASP A 95 -9.33 -3.64 31.95
CA ASP A 95 -8.78 -4.99 32.11
C ASP A 95 -9.23 -5.96 31.03
N THR A 96 -9.95 -5.50 30.03
CA THR A 96 -10.49 -6.37 28.99
C THR A 96 -10.24 -5.70 27.64
N VAL A 97 -9.49 -6.37 26.77
CA VAL A 97 -9.05 -5.82 25.49
C VAL A 97 -9.54 -6.72 24.35
N ARG A 98 -10.00 -6.10 23.27
CA ARG A 98 -10.35 -6.82 22.06
C ARG A 98 -9.68 -6.14 20.88
N LEU A 99 -9.16 -6.93 19.95
CA LEU A 99 -8.58 -6.42 18.72
C LEU A 99 -9.25 -7.12 17.54
N TYR A 100 -9.80 -6.35 16.62
CA TYR A 100 -10.47 -6.90 15.46
C TYR A 100 -9.58 -6.73 14.23
N TYR A 101 -9.61 -7.72 13.37
CA TYR A 101 -8.75 -7.76 12.19
C TYR A 101 -9.42 -8.67 11.16
N LEU A 102 -8.80 -8.78 10.00
CA LEU A 102 -9.33 -9.65 8.95
C LEU A 102 -8.43 -10.86 8.74
N SER A 103 -9.04 -12.02 8.52
CA SER A 103 -8.29 -13.21 8.14
C SER A 103 -7.81 -13.06 6.70
N PRO A 104 -6.89 -13.92 6.24
CA PRO A 104 -6.51 -13.88 4.82
C PRO A 104 -7.64 -14.19 3.87
N GLN A 105 -8.78 -14.67 4.38
CA GLN A 105 -9.97 -14.93 3.60
C GLN A 105 -11.02 -13.84 3.76
N PHE A 106 -10.63 -12.69 4.32
CA PHE A 106 -11.49 -11.52 4.47
C PHE A 106 -12.69 -11.79 5.38
N GLU A 107 -12.46 -12.52 6.46
CA GLU A 107 -13.48 -12.73 7.48
C GLU A 107 -13.11 -11.96 8.74
N LEU A 108 -14.12 -11.40 9.41
CA LEU A 108 -13.91 -10.75 10.69
C LEU A 108 -13.26 -11.70 11.68
N GLN A 109 -12.24 -11.22 12.38
CA GLN A 109 -11.57 -12.00 13.42
C GLN A 109 -11.42 -11.14 14.66
N GLU A 110 -11.29 -11.82 15.80
CA GLU A 110 -11.24 -11.16 17.09
C GLU A 110 -10.15 -11.79 17.95
N TRP A 111 -9.26 -10.97 18.49
CA TRP A 111 -8.28 -11.39 19.49
C TRP A 111 -8.69 -10.81 20.83
N CYS A 112 -8.58 -11.62 21.88
CA CYS A 112 -9.08 -11.28 23.21
C CYS A 112 -7.95 -11.34 24.22
N TRP A 113 -7.89 -10.34 25.10
CA TRP A 113 -6.90 -10.32 26.17
C TRP A 113 -7.65 -9.93 27.45
N ASP A 114 -7.78 -10.89 28.37
CA ASP A 114 -8.46 -10.67 29.64
C ASP A 114 -7.44 -10.67 30.77
N THR A 115 -7.46 -9.62 31.60
CA THR A 115 -6.49 -9.51 32.70
C THR A 115 -7.17 -9.31 34.05
N LYS A 116 -8.49 -9.47 34.12
CA LYS A 116 -9.20 -9.36 35.39
C LYS A 116 -8.59 -10.30 36.42
N ASN A 117 -8.52 -9.83 37.66
CA ASN A 117 -8.04 -10.61 38.80
C ASN A 117 -6.61 -11.11 38.60
N GLY A 118 -5.82 -10.40 37.80
CA GLY A 118 -4.46 -10.80 37.54
C GLY A 118 -4.30 -11.95 36.57
N ALA A 119 -5.37 -12.35 35.88
CA ALA A 119 -5.24 -13.36 34.86
C ALA A 119 -4.46 -12.81 33.67
N ASP A 120 -3.99 -13.70 32.81
CA ASP A 120 -3.34 -13.32 31.56
C ASP A 120 -3.85 -14.27 30.48
N ASN A 121 -5.10 -14.08 30.08
CA ASN A 121 -5.76 -14.97 29.13
C ASN A 121 -5.79 -14.29 27.77
N LYS A 122 -5.17 -14.93 26.78
CA LYS A 122 -5.16 -14.46 25.41
C LYS A 122 -5.73 -15.55 24.53
N TYR A 123 -6.69 -15.21 23.68
CA TYR A 123 -7.39 -16.25 22.95
C TYR A 123 -8.12 -15.66 21.76
N ASP A 124 -8.47 -16.54 20.83
CA ASP A 124 -9.32 -16.17 19.70
C ASP A 124 -10.76 -16.03 20.18
N GLY A 125 -11.43 -14.95 19.74
CA GLY A 125 -12.77 -14.69 20.19
C GLY A 125 -13.84 -15.42 19.38
N ALA A 126 -15.06 -15.40 19.93
CA ALA A 126 -16.17 -16.10 19.31
C ALA A 126 -16.60 -15.49 17.98
N LEU A 127 -16.23 -14.24 17.69
CA LEU A 127 -16.63 -13.65 16.42
C LEU A 127 -16.12 -14.46 15.25
N ASN A 128 -14.97 -15.13 15.42
CA ASN A 128 -14.40 -15.93 14.34
C ASN A 128 -15.38 -17.00 13.86
N ALA A 129 -16.19 -17.56 14.77
CA ALA A 129 -17.09 -18.63 14.36
C ALA A 129 -18.19 -18.15 13.41
N ALA A 130 -18.52 -16.86 13.42
CA ALA A 130 -19.57 -16.39 12.54
C ALA A 130 -19.15 -16.33 11.07
N LYS A 131 -17.84 -16.36 10.81
CA LYS A 131 -17.27 -16.37 9.46
C LYS A 131 -17.90 -15.26 8.61
N VAL A 132 -17.83 -14.03 9.12
CA VAL A 132 -18.44 -12.88 8.47
C VAL A 132 -17.51 -12.41 7.35
N LYS A 133 -17.87 -12.69 6.11
CA LYS A 133 -17.11 -12.23 4.95
C LYS A 133 -17.42 -10.78 4.66
N VAL A 134 -16.37 -9.97 4.46
CA VAL A 134 -16.50 -8.54 4.25
C VAL A 134 -15.92 -8.19 2.90
N ALA A 135 -16.17 -6.97 2.46
CA ALA A 135 -15.51 -6.49 1.26
C ALA A 135 -13.99 -6.59 1.46
N PRO A 136 -13.23 -7.01 0.46
CA PRO A 136 -11.81 -7.31 0.72
C PRO A 136 -10.99 -6.10 1.13
N TYR A 137 -11.43 -4.90 0.75
CA TYR A 137 -10.79 -3.64 1.12
C TYR A 137 -11.44 -2.98 2.34
N SER A 138 -12.30 -3.70 3.04
CA SER A 138 -13.00 -3.14 4.20
C SER A 138 -12.02 -2.70 5.29
N LYS A 139 -12.33 -1.55 5.90
CA LYS A 139 -11.70 -1.20 7.15
C LYS A 139 -12.61 -1.64 8.30
N LEU A 140 -12.20 -1.31 9.53
CA LEU A 140 -12.90 -1.79 10.72
C LEU A 140 -13.03 -0.69 11.75
N GLY A 141 -14.20 -0.66 12.40
CA GLY A 141 -14.40 0.16 13.57
C GLY A 141 -15.11 -0.67 14.63
N ALA A 142 -15.12 -0.16 15.86
CA ALA A 142 -15.80 -0.88 16.93
C ALA A 142 -16.03 0.03 18.13
N VAL A 143 -17.12 -0.24 18.86
CA VAL A 143 -17.37 0.41 20.14
C VAL A 143 -17.86 -0.63 21.14
N SER A 144 -17.75 -0.28 22.43
CA SER A 144 -18.32 -1.09 23.50
C SER A 144 -19.13 -0.21 24.43
N PHE A 145 -20.14 -0.81 25.07
CA PHE A 145 -20.94 -0.07 26.03
C PHE A 145 -21.55 -1.05 27.02
N GLY A 146 -22.06 -0.50 28.12
CA GLY A 146 -22.68 -1.34 29.14
C GLY A 146 -21.82 -2.52 29.54
N GLY A 147 -20.51 -2.30 29.61
CA GLY A 147 -19.57 -3.40 29.78
C GLY A 147 -19.34 -4.15 28.49
N ALA A 148 -19.77 -5.41 28.43
CA ALA A 148 -19.45 -6.28 27.31
C ALA A 148 -20.56 -6.33 26.26
N ASN A 149 -21.11 -5.18 25.87
CA ASN A 149 -21.93 -5.07 24.67
C ASN A 149 -21.05 -4.49 23.58
N LEU A 150 -20.84 -5.25 22.52
CA LEU A 150 -19.84 -4.90 21.52
C LEU A 150 -20.50 -4.67 20.17
N ARG A 151 -19.94 -3.75 19.41
CA ARG A 151 -20.41 -3.43 18.08
C ARG A 151 -19.19 -3.33 17.18
N VAL A 152 -19.20 -4.07 16.08
CA VAL A 152 -18.11 -4.05 15.11
C VAL A 152 -18.67 -3.56 13.77
N TYR A 153 -17.96 -2.61 13.16
CA TYR A 153 -18.41 -1.95 11.94
C TYR A 153 -17.43 -2.25 10.83
N TYR A 154 -17.99 -2.51 9.65
CA TYR A 154 -17.20 -2.98 8.51
C TYR A 154 -17.96 -2.62 7.25
N GLN A 155 -17.31 -2.85 6.11
CA GLN A 155 -17.90 -2.60 4.81
C GLN A 155 -18.29 -3.92 4.18
N GLY A 156 -19.58 -4.10 3.94
CA GLY A 156 -20.07 -5.30 3.34
C GLY A 156 -19.72 -5.38 1.87
N THR A 157 -19.99 -6.55 1.29
CA THR A 157 -19.60 -6.78 -0.09
C THR A 157 -20.33 -5.85 -1.07
N ASN A 158 -21.48 -5.27 -0.69
CA ASN A 158 -22.15 -4.27 -1.51
C ASN A 158 -21.69 -2.85 -1.22
N ASN A 159 -20.67 -2.68 -0.37
CA ASN A 159 -20.02 -1.42 -0.03
C ASN A 159 -20.79 -0.59 0.99
N LYS A 160 -21.94 -1.06 1.46
CA LYS A 160 -22.59 -0.40 2.58
C LYS A 160 -21.80 -0.65 3.86
N LEU A 161 -21.89 0.29 4.80
CA LEU A 161 -21.36 0.04 6.13
C LEU A 161 -22.35 -0.82 6.91
N GLU A 162 -21.81 -1.79 7.65
CA GLU A 162 -22.58 -2.82 8.33
C GLU A 162 -22.10 -2.97 9.77
N GLU A 163 -23.00 -3.47 10.60
CA GLU A 163 -22.76 -3.67 12.03
C GLU A 163 -22.94 -5.13 12.39
N TYR A 164 -22.05 -5.64 13.24
CA TYR A 164 -22.22 -6.90 13.92
C TYR A 164 -22.27 -6.63 15.42
N THR A 165 -23.12 -7.36 16.15
CA THR A 165 -23.41 -7.05 17.54
C THR A 165 -23.11 -8.24 18.46
N PHE A 166 -22.78 -7.94 19.70
CA PHE A 166 -22.54 -8.93 20.75
C PHE A 166 -23.08 -8.38 22.07
N GLY A 167 -23.76 -9.24 22.83
CA GLY A 167 -24.18 -8.84 24.16
C GLY A 167 -25.54 -9.39 24.57
N GLY A 168 -25.86 -9.24 25.85
CA GLY A 168 -27.14 -9.72 26.36
C GLY A 168 -27.33 -11.21 26.20
N GLY A 169 -26.26 -11.99 26.28
CA GLY A 169 -26.35 -13.44 26.11
C GLY A 169 -26.80 -13.91 24.75
N GLN A 170 -26.79 -13.06 23.73
CA GLN A 170 -27.23 -13.44 22.40
C GLN A 170 -26.10 -13.97 21.53
N GLY A 171 -24.85 -13.79 21.93
CA GLY A 171 -23.75 -14.08 21.04
C GLY A 171 -23.68 -13.05 19.92
N TRP A 172 -22.80 -13.33 18.96
CA TRP A 172 -22.61 -12.45 17.82
C TRP A 172 -23.77 -12.60 16.83
N LYS A 173 -24.39 -11.48 16.48
CA LYS A 173 -25.48 -11.46 15.53
C LYS A 173 -25.30 -10.30 14.56
N LYS A 174 -25.81 -10.46 13.36
CA LYS A 174 -25.85 -9.34 12.42
C LYS A 174 -26.67 -8.19 13.00
N GLY A 175 -26.14 -6.99 12.93
CA GLY A 175 -26.81 -5.78 13.37
C GLY A 175 -27.33 -4.95 12.23
N ALA A 176 -27.33 -3.63 12.42
CA ALA A 176 -27.90 -2.72 11.44
C ALA A 176 -27.09 -2.66 10.15
N THR A 177 -27.78 -2.29 9.07
CA THR A 177 -27.15 -1.75 7.88
C THR A 177 -27.25 -0.23 7.98
N LEU A 178 -26.12 0.44 7.83
CA LEU A 178 -26.07 1.88 8.12
C LEU A 178 -26.45 2.70 6.88
N PRO A 179 -26.95 3.92 7.06
CA PRO A 179 -27.29 4.76 5.91
C PRO A 179 -26.05 5.29 5.21
N GLY A 180 -26.28 5.97 4.10
CA GLY A 180 -25.20 6.60 3.37
C GLY A 180 -24.65 5.73 2.25
N ASP A 181 -23.72 6.34 1.49
CA ASP A 181 -23.15 5.77 0.28
CA ASP A 181 -23.15 5.74 0.29
C ASP A 181 -21.63 5.76 0.43
N PRO A 182 -21.07 4.76 1.11
CA PRO A 182 -19.63 4.80 1.43
C PRO A 182 -18.74 4.52 0.23
N LEU A 183 -17.63 5.26 0.16
CA LEU A 183 -16.61 4.94 -0.82
C LEU A 183 -16.11 3.52 -0.61
N PRO A 184 -16.03 2.68 -1.67
CA PRO A 184 -15.36 1.37 -1.52
C PRO A 184 -13.98 1.53 -0.94
N GLY A 185 -13.71 0.85 0.16
CA GLY A 185 -12.41 0.92 0.79
C GLY A 185 -12.22 2.07 1.76
N THR A 186 -13.28 2.84 2.04
CA THR A 186 -13.15 3.99 2.93
C THR A 186 -12.53 3.59 4.26
N TYR A 187 -11.69 4.48 4.79
CA TYR A 187 -11.34 4.34 6.20
C TYR A 187 -12.57 4.65 7.04
N ILE A 188 -12.66 3.99 8.19
CA ILE A 188 -13.80 4.23 9.07
C ILE A 188 -13.33 4.28 10.52
N SER A 189 -14.05 5.02 11.34
CA SER A 189 -13.69 5.15 12.73
C SER A 189 -14.95 5.42 13.53
N PHE A 190 -15.20 4.60 14.55
CA PHE A 190 -16.39 4.73 15.37
C PHE A 190 -16.03 4.95 16.84
N VAL A 191 -16.79 5.83 17.50
CA VAL A 191 -16.56 6.15 18.90
C VAL A 191 -17.87 6.09 19.66
N ASN A 192 -17.75 5.95 20.98
CA ASN A 192 -18.90 6.00 21.88
C ASN A 192 -18.72 7.20 22.80
N ARG A 193 -19.61 8.18 22.68
CA ARG A 193 -19.52 9.40 23.47
C ARG A 193 -19.87 9.19 24.94
N ASN A 194 -20.53 8.09 25.27
CA ASN A 194 -20.87 7.77 26.64
C ASN A 194 -19.86 6.81 27.24
N LYS A 195 -19.86 6.74 28.57
CA LYS A 195 -18.86 5.98 29.31
C LYS A 195 -18.99 4.48 29.06
N TRP A 196 -17.85 3.79 29.22
CA TRP A 196 -17.76 2.37 28.86
C TRP A 196 -18.81 1.52 29.57
N ASP A 197 -19.22 1.91 30.79
CA ASP A 197 -20.18 1.11 31.54
C ASP A 197 -21.60 1.62 31.43
N ALA A 198 -21.82 2.67 30.65
CA ALA A 198 -23.14 3.26 30.52
C ALA A 198 -23.93 2.59 29.42
N ASN A 199 -25.24 2.68 29.52
CA ASN A 199 -26.17 2.05 28.61
C ASN A 199 -27.43 2.91 28.62
N PRO A 200 -27.87 3.46 27.48
CA PRO A 200 -27.42 3.23 26.11
C PRO A 200 -26.14 3.98 25.72
N PRO A 201 -25.52 3.56 24.62
CA PRO A 201 -24.39 4.30 24.06
C PRO A 201 -24.86 5.50 23.25
N SER A 202 -23.90 6.32 22.85
CA SER A 202 -24.11 7.46 21.94
C SER A 202 -23.01 7.34 20.89
N ILE A 203 -23.33 6.77 19.73
CA ILE A 203 -22.32 6.28 18.80
C ILE A 203 -22.16 7.24 17.63
N ARG A 204 -20.92 7.49 17.23
CA ARG A 204 -20.60 8.28 16.05
C ARG A 204 -19.59 7.51 15.21
N GLY A 205 -19.78 7.55 13.90
CA GLY A 205 -18.85 6.95 12.98
C GLY A 205 -18.51 7.94 11.88
N TYR A 206 -17.28 7.84 11.39
CA TYR A 206 -16.76 8.76 10.39
C TYR A 206 -16.21 7.95 9.23
N PHE A 207 -16.52 8.40 8.02
CA PHE A 207 -16.19 7.67 6.80
C PHE A 207 -16.18 8.64 5.64
N GLN A 208 -15.74 8.13 4.49
CA GLN A 208 -15.70 8.88 3.25
C GLN A 208 -16.76 8.35 2.28
N THR A 209 -17.48 9.25 1.63
CA THR A 209 -18.55 8.86 0.73
C THR A 209 -18.04 8.67 -0.70
N VAL A 210 -18.92 8.14 -1.56
CA VAL A 210 -18.58 7.96 -2.98
C VAL A 210 -18.31 9.28 -3.69
N THR A 211 -18.69 10.42 -3.10
CA THR A 211 -18.35 11.70 -3.73
C THR A 211 -17.00 12.24 -3.28
N GLY A 212 -16.35 11.61 -2.30
CA GLY A 212 -15.13 12.13 -1.73
C GLY A 212 -15.31 12.93 -0.46
N SER A 213 -16.55 13.35 -0.16
CA SER A 213 -16.83 14.04 1.07
C SER A 213 -16.61 13.11 2.27
N LEU A 214 -16.40 13.71 3.44
CA LEU A 214 -16.43 12.97 4.69
C LEU A 214 -17.79 13.14 5.33
N ALA A 215 -18.26 12.08 5.98
CA ALA A 215 -19.61 12.02 6.52
C ALA A 215 -19.60 11.34 7.88
N GLU A 216 -20.74 11.37 8.54
CA GLU A 216 -20.85 10.94 9.93
C GLU A 216 -22.09 10.08 10.12
N GLN A 217 -21.91 8.94 10.77
CA GLN A 217 -23.00 8.09 11.23
C GLN A 217 -23.34 8.44 12.67
N VAL A 218 -24.64 8.50 12.98
CA VAL A 218 -25.11 8.85 14.33
C VAL A 218 -26.09 7.78 14.78
N TRP A 219 -25.84 7.20 15.95
CA TRP A 219 -26.83 6.35 16.62
C TRP A 219 -27.20 6.98 17.95
N GLU A 220 -28.49 7.26 18.11
CA GLU A 220 -29.15 7.46 19.38
C GLU A 220 -30.38 6.55 19.38
N THR A 221 -31.07 6.47 20.52
CA THR A 221 -32.32 5.70 20.56
C THR A 221 -33.24 6.10 19.40
N GLY A 222 -33.70 5.10 18.65
CA GLY A 222 -34.51 5.33 17.47
C GLY A 222 -33.85 4.88 16.18
N GLY A 223 -32.51 4.85 16.16
CA GLY A 223 -31.85 4.24 15.03
C GLY A 223 -30.76 5.13 14.46
N TRP A 224 -30.22 4.69 13.34
CA TRP A 224 -29.10 5.36 12.70
C TRP A 224 -29.56 6.50 11.81
N ARG A 225 -28.81 7.59 11.82
CA ARG A 225 -29.03 8.70 10.91
C ARG A 225 -27.68 9.28 10.52
N ILE A 226 -27.67 9.97 9.39
CA ILE A 226 -26.49 10.70 8.95
C ILE A 226 -26.40 11.99 9.76
N GLY A 227 -25.21 12.28 10.29
CA GLY A 227 -25.01 13.42 11.17
C GLY A 227 -24.62 14.69 10.45
N GLN A 228 -24.38 15.73 11.25
CA GLN A 228 -24.12 17.08 10.76
C GLN A 228 -22.68 17.29 10.30
N PHE A 229 -21.76 16.43 10.71
CA PHE A 229 -20.37 16.56 10.31
C PHE A 229 -20.23 16.29 8.82
N VAL A 230 -19.83 17.30 8.06
CA VAL A 230 -19.70 17.20 6.61
C VAL A 230 -18.44 17.93 6.19
N ILE A 231 -17.52 17.22 5.55
CA ILE A 231 -16.35 17.81 4.90
C ILE A 231 -16.56 17.63 3.39
N PRO A 232 -16.79 18.69 2.62
CA PRO A 232 -17.22 18.50 1.23
C PRO A 232 -16.16 17.81 0.35
N ALA A 233 -14.88 17.97 0.65
CA ALA A 233 -13.82 17.41 -0.17
C ALA A 233 -12.65 16.95 0.68
N ALA A 234 -12.12 15.78 0.37
CA ALA A 234 -10.97 15.25 1.08
C ALA A 234 -10.18 14.40 0.09
N PRO A 235 -8.91 14.10 0.39
CA PRO A 235 -8.13 13.25 -0.53
C PRO A 235 -8.78 11.88 -0.70
N PHE A 236 -8.55 11.29 -1.87
CA PHE A 236 -9.07 9.96 -2.16
C PHE A 236 -8.52 8.93 -1.17
N LEU A 237 -9.44 8.18 -0.54
CA LEU A 237 -9.09 7.16 0.46
C LEU A 237 -8.22 7.74 1.58
N THR A 238 -8.61 8.92 2.05
CA THR A 238 -7.85 9.53 3.13
C THR A 238 -7.99 8.71 4.41
N PRO A 239 -6.89 8.44 5.11
CA PRO A 239 -7.00 7.88 6.47
C PRO A 239 -7.87 8.75 7.37
N ILE A 240 -8.65 8.09 8.22
CA ILE A 240 -9.57 8.75 9.17
C ILE A 240 -9.43 8.05 10.51
N SER A 241 -9.37 8.84 11.59
CA SER A 241 -9.45 8.24 12.92
C SER A 241 -10.07 9.25 13.88
N ALA A 242 -11.00 8.80 14.70
CA ALA A 242 -11.63 9.66 15.68
C ALA A 242 -11.44 9.09 17.08
N THR A 243 -11.57 9.98 18.07
CA THR A 243 -11.51 9.58 19.46
C THR A 243 -12.36 10.54 20.28
N VAL A 244 -12.85 10.07 21.43
CA VAL A 244 -13.70 10.91 22.28
C VAL A 244 -13.38 10.65 23.75
N SER A 245 -13.42 11.72 24.54
CA SER A 245 -13.26 11.66 25.99
C SER A 245 -13.96 12.89 26.53
N PRO A 246 -14.49 12.83 27.76
CA PRO A 246 -15.24 13.99 28.27
C PRO A 246 -14.33 15.12 28.70
N GLU A 247 -14.74 16.35 28.39
CA GLU A 247 -14.08 17.56 28.86
C GLU A 247 -15.14 18.45 29.49
N LYS A 248 -14.95 18.78 30.77
CA LYS A 248 -15.94 19.54 31.53
C LYS A 248 -17.31 18.84 31.46
N ASP A 249 -17.27 17.52 31.57
CA ASP A 249 -18.46 16.68 31.61
C ASP A 249 -19.28 16.78 30.32
N PHE A 250 -18.62 16.98 29.19
CA PHE A 250 -19.29 16.91 27.89
C PHE A 250 -18.35 16.20 26.92
N PRO A 251 -18.84 15.26 26.12
CA PRO A 251 -17.95 14.51 25.21
C PRO A 251 -17.25 15.42 24.23
N LYS A 252 -15.94 15.28 24.13
CA LYS A 252 -15.10 16.01 23.19
C LYS A 252 -14.62 15.03 22.12
N ILE A 253 -15.18 15.14 20.93
CA ILE A 253 -14.79 14.29 19.80
C ILE A 253 -13.66 14.98 19.05
N HIS A 254 -12.59 14.23 18.76
CA HIS A 254 -11.55 14.68 17.83
C HIS A 254 -11.62 13.78 16.61
N VAL A 255 -11.77 14.38 15.43
CA VAL A 255 -11.74 13.63 14.17
C VAL A 255 -10.52 14.06 13.38
N TYR A 256 -9.70 13.08 12.95
CA TYR A 256 -8.48 13.34 12.20
C TYR A 256 -8.54 12.71 10.82
N TRP A 257 -8.04 13.43 9.83
CA TRP A 257 -7.84 12.88 8.51
C TRP A 257 -6.64 13.58 7.87
N LEU A 258 -6.27 13.16 6.67
CA LEU A 258 -5.09 13.71 6.03
C LEU A 258 -5.45 14.73 4.96
N SER A 259 -4.69 15.82 4.92
CA SER A 259 -4.84 16.83 3.88
C SER A 259 -4.24 16.34 2.56
N VAL A 260 -4.36 17.17 1.53
CA VAL A 260 -3.76 16.87 0.24
C VAL A 260 -2.24 16.87 0.32
N GLU A 261 -1.65 17.49 1.35
CA GLU A 261 -0.21 17.44 1.60
C GLU A 261 0.16 16.32 2.57
N SER A 262 -0.78 15.42 2.89
CA SER A 262 -0.58 14.36 3.89
C SER A 262 -0.19 14.93 5.26
N THR A 263 -0.71 16.11 5.60
CA THR A 263 -0.65 16.62 6.95
C THR A 263 -1.95 16.31 7.66
N ILE A 264 -1.90 16.25 8.98
CA ILE A 264 -3.04 15.81 9.77
C ILE A 264 -3.96 16.98 10.08
N ILE A 265 -5.22 16.84 9.69
CA ILE A 265 -6.28 17.82 9.93
C ILE A 265 -7.13 17.31 11.09
N GLU A 266 -7.52 18.22 11.97
CA GLU A 266 -8.32 17.91 13.15
C GLU A 266 -9.60 18.73 13.14
N SER A 267 -10.72 18.06 13.40
CA SER A 267 -11.98 18.76 13.69
CA SER A 267 -12.00 18.73 13.68
C SER A 267 -12.48 18.28 15.04
N VAL A 268 -12.85 19.24 15.89
CA VAL A 268 -13.30 18.97 17.25
C VAL A 268 -14.79 19.24 17.36
N ASN A 269 -15.51 18.33 17.99
CA ASN A 269 -16.90 18.55 18.38
C ASN A 269 -16.95 18.63 19.90
N TRP A 270 -17.37 19.80 20.41
CA TRP A 270 -17.48 20.00 21.85
C TRP A 270 -18.36 21.23 22.02
N HIS A 271 -19.65 20.99 22.29
CA HIS A 271 -20.68 22.02 22.15
C HIS A 271 -20.62 22.66 20.76
N GLY A 272 -20.65 21.83 19.74
CA GLY A 272 -20.60 22.28 18.37
C GLY A 272 -19.27 21.91 17.70
N TRP A 273 -19.31 21.87 16.37
CA TRP A 273 -18.13 21.56 15.57
C TRP A 273 -17.28 22.81 15.39
N LYS A 274 -15.98 22.66 15.60
CA LYS A 274 -15.03 23.72 15.32
C LYS A 274 -14.42 23.50 13.94
N ALA A 275 -13.96 24.60 13.34
CA ALA A 275 -13.43 24.56 11.99
C ALA A 275 -12.21 23.64 11.92
N PRO A 276 -12.03 22.90 10.83
CA PRO A 276 -10.86 22.03 10.71
C PRO A 276 -9.57 22.83 10.82
N LYS A 277 -8.58 22.22 11.45
CA LYS A 277 -7.29 22.86 11.71
C LYS A 277 -6.18 21.84 11.50
N GLN A 278 -5.12 22.27 10.81
CA GLN A 278 -3.94 21.43 10.66
C GLN A 278 -3.17 21.40 11.99
N ILE A 279 -2.88 20.21 12.52
CA ILE A 279 -2.26 20.17 13.84
C ILE A 279 -0.75 20.43 13.77
N ASP A 280 -0.13 20.11 12.64
CA ASP A 280 1.27 20.44 12.37
C ASP A 280 1.46 20.33 10.86
N ASN A 281 2.57 20.86 10.37
CA ASN A 281 2.74 20.91 8.91
C ASN A 281 3.75 19.87 8.41
N ILE A 282 3.87 18.75 9.11
CA ILE A 282 4.77 17.67 8.72
C ILE A 282 3.97 16.62 7.96
N SER A 283 4.44 16.26 6.77
CA SER A 283 3.76 15.28 5.93
C SER A 283 4.05 13.87 6.42
N VAL A 284 3.02 13.15 6.85
CA VAL A 284 3.19 11.74 7.20
C VAL A 284 3.06 10.90 5.94
N VAL A 285 3.35 9.60 6.06
CA VAL A 285 3.05 8.67 4.97
C VAL A 285 1.54 8.54 4.86
N LYS A 286 1.02 8.64 3.64
CA LYS A 286 -0.43 8.55 3.47
C LYS A 286 -0.85 7.11 3.73
N ALA A 287 -1.23 6.85 4.98
CA ALA A 287 -1.45 5.50 5.47
C ALA A 287 -2.20 5.61 6.79
N ASP A 288 -2.71 4.48 7.27
CA ASP A 288 -3.61 4.46 8.42
C ASP A 288 -3.02 5.23 9.61
N ILE A 289 -3.91 5.93 10.32
CA ILE A 289 -3.57 6.58 11.58
C ILE A 289 -4.54 6.06 12.62
N SER A 290 -4.18 6.28 13.89
CA SER A 290 -5.00 5.80 14.99
C SER A 290 -4.90 6.81 16.12
N ALA A 291 -6.04 7.36 16.53
CA ALA A 291 -6.10 8.33 17.61
C ALA A 291 -6.74 7.71 18.85
N THR A 292 -6.27 8.16 20.02
CA THR A 292 -6.86 7.73 21.28
C THR A 292 -6.77 8.91 22.26
N SER A 293 -7.55 8.86 23.33
CA SER A 293 -7.61 10.02 24.22
C SER A 293 -8.05 9.57 25.61
N PHE A 294 -7.74 10.42 26.60
CA PHE A 294 -8.23 10.21 27.95
C PHE A 294 -8.38 11.57 28.62
N THR A 295 -9.19 11.59 29.66
CA THR A 295 -9.44 12.80 30.45
C THR A 295 -8.55 12.77 31.68
N ARG A 296 -7.62 13.71 31.75
CA ARG A 296 -6.69 13.79 32.86
C ARG A 296 -7.45 14.15 34.13
N ASP A 297 -6.86 13.79 35.29
CA ASP A 297 -7.56 14.07 36.54
C ASP A 297 -7.73 15.57 36.78
N ASP A 298 -7.00 16.40 36.07
CA ASP A 298 -7.21 17.84 36.12
C ASP A 298 -8.32 18.32 35.19
N GLY A 299 -8.97 17.42 34.46
CA GLY A 299 -10.12 17.76 33.64
C GLY A 299 -9.84 18.00 32.18
N THR A 300 -8.57 18.12 31.78
CA THR A 300 -8.22 18.34 30.39
C THR A 300 -8.17 17.00 29.65
N VAL A 301 -8.27 17.08 28.32
CA VAL A 301 -8.26 15.88 27.47
C VAL A 301 -6.95 15.78 26.72
N ASP A 302 -6.22 14.69 26.97
CA ASP A 302 -5.00 14.32 26.28
C ASP A 302 -5.36 13.54 25.01
N VAL A 303 -4.58 13.75 23.94
CA VAL A 303 -4.74 12.96 22.72
C VAL A 303 -3.40 12.38 22.31
N ARG A 304 -3.43 11.15 21.77
CA ARG A 304 -2.27 10.56 21.14
C ARG A 304 -2.69 10.11 19.75
N ILE A 305 -1.82 10.34 18.75
CA ILE A 305 -2.05 9.83 17.40
C ILE A 305 -0.84 8.99 17.00
N TYR A 306 -1.12 7.82 16.43
CA TYR A 306 -0.10 6.91 15.93
C TYR A 306 -0.30 6.74 14.44
N GLY A 307 0.80 6.49 13.73
CA GLY A 307 0.71 6.29 12.30
C GLY A 307 2.11 6.14 11.74
N THR A 308 2.23 6.31 10.42
CA THR A 308 3.51 6.10 9.74
C THR A 308 4.11 7.45 9.34
N ALA A 309 5.32 7.73 9.82
CA ALA A 309 6.07 8.91 9.43
C ALA A 309 7.16 8.54 8.43
N GLN A 310 7.66 9.54 7.71
CA GLN A 310 8.79 9.31 6.81
C GLN A 310 9.98 8.77 7.60
N LEU A 311 10.67 7.79 7.04
CA LEU A 311 10.35 7.14 5.77
C LEU A 311 9.41 5.96 5.98
N ASN A 312 9.65 5.20 7.05
CA ASN A 312 8.67 4.20 7.52
C ASN A 312 8.93 3.97 9.00
N VAL A 313 8.38 4.85 9.85
CA VAL A 313 8.50 4.69 11.29
C VAL A 313 7.14 4.92 11.94
N LEU A 314 6.95 4.30 13.09
CA LEU A 314 5.74 4.44 13.88
C LEU A 314 5.87 5.72 14.71
N PHE A 315 5.11 6.75 14.36
CA PHE A 315 5.19 8.00 15.10
C PHE A 315 4.20 8.02 16.25
N GLU A 316 4.50 8.86 17.25
CA GLU A 316 3.53 9.24 18.28
C GLU A 316 3.47 10.76 18.33
N ARG A 317 2.31 11.30 18.01
CA ARG A 317 2.01 12.71 18.23
C ARG A 317 1.24 12.88 19.52
N ILE A 318 1.61 13.89 20.31
CA ILE A 318 1.13 14.02 21.68
C ILE A 318 0.46 15.38 21.85
N PHE A 319 -0.81 15.36 22.24
CA PHE A 319 -1.52 16.57 22.67
C PHE A 319 -1.70 16.49 24.18
N ARG A 320 -1.08 17.43 24.90
CA ARG A 320 -1.00 17.33 26.34
C ARG A 320 -0.96 18.74 26.91
N TYR A 321 -1.81 19.01 27.91
CA TYR A 321 -1.92 20.33 28.51
C TYR A 321 -2.21 21.41 27.47
N GLY A 322 -3.02 21.06 26.49
CA GLY A 322 -3.54 22.02 25.55
C GLY A 322 -2.67 22.36 24.36
N VAL A 323 -1.52 21.71 24.17
CA VAL A 323 -0.68 21.96 23.00
C VAL A 323 -0.17 20.64 22.42
N TRP A 324 0.10 20.66 21.11
CA TRP A 324 0.81 19.56 20.45
C TRP A 324 2.32 19.73 20.66
N GLU A 325 2.95 18.72 21.24
CA GLU A 325 4.40 18.77 21.42
C GLU A 325 5.08 18.75 20.05
N GLU A 326 6.12 19.59 19.90
CA GLU A 326 6.69 19.89 18.58
CA GLU A 326 6.65 19.84 18.56
C GLU A 326 7.67 18.82 18.09
N LYS A 327 8.37 18.15 19.01
CA LYS A 327 9.34 17.13 18.62
C LYS A 327 8.61 15.79 18.57
N ILE A 328 8.44 15.26 17.36
CA ILE A 328 7.67 14.04 17.17
C ILE A 328 8.64 12.86 17.16
N HIS A 329 8.49 11.96 18.11
CA HIS A 329 9.36 10.81 18.22
C HIS A 329 8.71 9.58 17.56
N SER A 330 9.53 8.56 17.40
CA SER A 330 9.11 7.29 16.82
C SER A 330 9.33 6.17 17.83
N ILE A 331 8.57 5.10 17.64
CA ILE A 331 8.64 3.89 18.45
C ILE A 331 9.31 2.84 17.59
N SER A 332 10.52 2.41 17.96
CA SER A 332 11.20 1.41 17.15
C SER A 332 10.52 0.05 17.30
N VAL A 333 10.33 -0.64 16.18
CA VAL A 333 9.69 -1.95 16.19
C VAL A 333 10.57 -3.02 15.55
N GLY A 334 11.85 -2.75 15.35
CA GLY A 334 12.71 -3.70 14.67
C GLY A 334 13.91 -2.99 14.08
N LYS A 335 14.56 -3.66 13.14
CA LYS A 335 15.76 -3.13 12.53
C LYS A 335 15.47 -1.90 11.68
N GLU A 336 16.44 -1.00 11.62
CA GLU A 336 16.26 0.28 10.97
C GLU A 336 17.51 0.66 10.19
N ILE A 337 17.32 1.48 9.17
CA ILE A 337 18.45 2.07 8.47
CA ILE A 337 18.40 2.05 8.37
C ILE A 337 18.19 3.56 8.28
N PRO A 338 19.19 4.39 8.53
CA PRO A 338 19.07 5.83 8.26
C PRO A 338 19.37 6.10 6.80
N ILE A 339 18.60 7.00 6.21
CA ILE A 339 18.74 7.35 4.81
C ILE A 339 18.68 8.87 4.66
N GLU A 340 19.59 9.41 3.86
CA GLU A 340 19.55 10.85 3.57
C GLU A 340 18.39 11.18 2.65
N VAL A 341 17.70 12.27 2.96
CA VAL A 341 16.54 12.74 2.21
C VAL A 341 16.85 14.14 1.69
N VAL A 342 16.59 14.38 0.41
CA VAL A 342 16.83 15.69 -0.19
C VAL A 342 15.53 16.21 -0.79
N GLY A 343 15.24 17.48 -0.56
CA GLY A 343 14.07 18.11 -1.16
C GLY A 343 14.34 18.48 -2.61
N VAL A 344 13.44 18.09 -3.50
CA VAL A 344 13.57 18.33 -4.93
CA VAL A 344 13.58 18.39 -4.91
C VAL A 344 12.30 19.02 -5.41
N ALA A 345 12.47 20.02 -6.29
CA ALA A 345 11.32 20.78 -6.81
C ALA A 345 10.72 20.16 -8.06
N PRO B 3 -16.25 16.29 -3.83
CA PRO B 3 -15.18 15.76 -4.69
C PRO B 3 -14.02 15.23 -3.86
N VAL B 4 -13.03 14.67 -4.52
CA VAL B 4 -11.78 14.31 -3.87
C VAL B 4 -10.75 15.37 -4.22
N GLU B 5 -9.85 15.62 -3.27
CA GLU B 5 -8.82 16.65 -3.43
C GLU B 5 -7.55 16.04 -4.01
N PHE B 6 -6.92 16.77 -4.91
CA PHE B 6 -5.66 16.37 -5.57
C PHE B 6 -4.75 17.58 -5.64
N PRO B 7 -3.44 17.40 -5.53
CA PRO B 7 -2.55 18.58 -5.54
C PRO B 7 -2.72 19.37 -6.83
N LYS B 8 -3.00 20.67 -6.66
CA LYS B 8 -3.30 21.55 -7.78
C LYS B 8 -2.18 21.58 -8.82
N SER B 9 -0.92 21.44 -8.38
CA SER B 9 0.22 21.53 -9.27
C SER B 9 0.42 20.27 -10.12
N LEU B 10 -0.30 19.19 -9.84
CA LEU B 10 -0.12 17.93 -10.54
C LEU B 10 -1.30 17.70 -11.49
N ARG B 11 -1.05 16.96 -12.57
CA ARG B 11 -2.09 16.56 -13.50
C ARG B 11 -2.51 15.13 -13.17
N ALA B 12 -3.81 14.92 -12.92
CA ALA B 12 -4.30 13.59 -12.59
C ALA B 12 -4.56 12.72 -13.81
N SER B 13 -4.74 13.32 -15.00
CA SER B 13 -5.15 12.56 -16.17
C SER B 13 -4.74 13.31 -17.43
N SER B 14 -4.93 12.65 -18.58
CA SER B 14 -4.72 13.25 -19.89
C SER B 14 -5.60 14.47 -20.12
N HIS B 15 -6.76 14.51 -19.47
CA HIS B 15 -7.68 15.63 -19.68
C HIS B 15 -7.59 16.67 -18.58
N SER B 16 -6.57 16.58 -17.73
CA SER B 16 -6.31 17.64 -16.77
C SER B 16 -5.92 18.91 -17.50
N SER B 17 -6.18 20.05 -16.86
CA SER B 17 -5.72 21.31 -17.40
C SER B 17 -4.21 21.29 -17.59
N GLU B 18 -3.74 22.14 -18.51
CA GLU B 18 -2.33 22.14 -18.88
C GLU B 18 -1.43 22.43 -17.69
N GLY B 19 -1.86 23.30 -16.78
CA GLY B 19 -1.05 23.69 -15.65
C GLY B 19 -1.26 22.91 -14.37
N GLY B 20 -2.03 21.83 -14.40
CA GLY B 20 -2.35 21.07 -13.22
C GLY B 20 -3.81 20.70 -13.22
N THR B 21 -4.28 20.18 -12.09
CA THR B 21 -5.66 19.74 -11.97
C THR B 21 -6.52 20.91 -11.50
N THR B 22 -7.63 21.14 -12.20
CA THR B 22 -8.60 22.14 -11.77
C THR B 22 -9.87 21.45 -11.29
N LYS B 23 -10.70 20.99 -12.22
CA LYS B 23 -11.88 20.20 -11.90
C LYS B 23 -12.10 19.21 -13.03
N GLU B 24 -12.24 17.94 -12.69
CA GLU B 24 -12.38 16.91 -13.71
C GLU B 24 -13.04 15.69 -13.07
N GLU B 25 -13.40 14.73 -13.91
CA GLU B 25 -13.92 13.44 -13.48
C GLU B 25 -12.86 12.37 -13.72
N ASP B 26 -12.62 11.53 -12.73
CA ASP B 26 -11.72 10.39 -12.89
C ASP B 26 -12.41 9.15 -12.33
N ILE B 27 -11.81 7.99 -12.61
CA ILE B 27 -12.46 6.69 -12.40
C ILE B 27 -11.78 5.94 -11.27
N TYR B 28 -12.61 5.33 -10.42
CA TYR B 28 -12.17 4.43 -9.36
C TYR B 28 -12.64 3.03 -9.75
N GLY B 29 -11.71 2.21 -10.23
CA GLY B 29 -12.00 0.80 -10.43
C GLY B 29 -11.75 0.03 -9.16
N TYR B 30 -12.80 -0.23 -8.38
CA TYR B 30 -12.58 -0.76 -7.04
C TYR B 30 -12.45 -2.27 -6.99
N GLU B 31 -12.49 -2.98 -8.12
CA GLU B 31 -12.17 -4.40 -8.12
C GLU B 31 -10.74 -4.68 -8.56
N LEU B 32 -9.96 -3.63 -8.83
CA LEU B 32 -8.51 -3.71 -8.94
C LEU B 32 -7.94 -3.46 -7.55
N LEU B 33 -7.05 -4.34 -7.07
CA LEU B 33 -6.40 -4.08 -5.79
C LEU B 33 -5.75 -2.71 -5.83
N TYR B 34 -5.98 -1.92 -4.79
CA TYR B 34 -5.37 -0.59 -4.79
C TYR B 34 -3.84 -0.75 -4.71
N ARG B 35 -3.14 -0.15 -5.69
CA ARG B 35 -1.69 -0.29 -5.85
C ARG B 35 -1.28 -1.72 -6.20
N SER B 36 -2.06 -2.35 -7.07
CA SER B 36 -1.75 -3.70 -7.54
C SER B 36 -0.35 -3.78 -8.14
N ALA B 37 0.27 -4.95 -7.97
CA ALA B 37 1.44 -5.25 -8.78
C ALA B 37 1.02 -5.48 -10.23
N PHE B 38 1.97 -5.33 -11.14
CA PHE B 38 1.75 -5.60 -12.55
C PHE B 38 2.93 -6.35 -13.16
N ALA B 39 2.61 -7.34 -14.00
CA ALA B 39 3.57 -7.98 -14.88
C ALA B 39 2.98 -7.94 -16.29
N SER B 40 3.85 -8.04 -17.30
CA SER B 40 3.33 -7.87 -18.65
C SER B 40 4.33 -8.49 -19.62
N TYR B 41 3.82 -8.83 -20.80
CA TYR B 41 4.66 -9.28 -21.91
C TYR B 41 3.88 -9.05 -23.18
N ILE B 42 4.46 -8.29 -24.10
CA ILE B 42 3.93 -8.19 -25.45
C ILE B 42 4.63 -9.24 -26.32
N ALA B 43 3.87 -9.84 -27.21
CA ALA B 43 4.45 -10.85 -28.08
C ALA B 43 5.61 -10.25 -28.87
N PRO B 44 6.68 -11.01 -29.12
CA PRO B 44 7.77 -10.49 -29.96
C PRO B 44 7.34 -10.06 -31.35
N THR B 45 6.23 -10.59 -31.87
CA THR B 45 5.68 -10.09 -33.12
C THR B 45 4.86 -8.83 -32.96
N GLY B 46 4.55 -8.44 -31.72
CA GLY B 46 3.64 -7.34 -31.49
C GLY B 46 2.17 -7.69 -31.64
N ALA B 47 1.83 -8.96 -31.90
CA ALA B 47 0.46 -9.30 -32.26
C ALA B 47 -0.49 -9.18 -31.08
N TRP B 48 -0.06 -9.61 -29.89
CA TRP B 48 -0.94 -9.65 -28.73
C TRP B 48 -0.15 -9.26 -27.47
N ASN B 49 -0.89 -9.00 -26.39
CA ASN B 49 -0.34 -8.51 -25.13
C ASN B 49 -0.92 -9.31 -23.98
N LEU B 50 -0.10 -9.55 -22.95
CA LEU B 50 -0.56 -10.14 -21.70
C LEU B 50 -0.17 -9.20 -20.57
N VAL B 51 -1.12 -8.94 -19.67
CA VAL B 51 -0.89 -8.15 -18.47
C VAL B 51 -1.50 -8.91 -17.31
N TRP B 52 -0.76 -9.03 -16.21
CA TRP B 52 -1.28 -9.68 -15.01
C TRP B 52 -1.30 -8.68 -13.86
N PHE B 53 -2.29 -8.85 -13.00
CA PHE B 53 -2.56 -7.91 -11.91
C PHE B 53 -3.33 -8.66 -10.82
N GLN B 54 -3.47 -8.01 -9.68
CA GLN B 54 -4.20 -8.61 -8.56
C GLN B 54 -5.52 -7.86 -8.39
N ALA B 55 -6.61 -8.62 -8.34
CA ALA B 55 -7.93 -8.08 -8.08
C ALA B 55 -8.07 -7.78 -6.59
N ALA B 56 -9.11 -7.00 -6.25
CA ALA B 56 -9.32 -6.64 -4.86
C ALA B 56 -9.49 -7.86 -3.98
N ASP B 57 -10.08 -8.94 -4.50
CA ASP B 57 -10.28 -10.16 -3.73
C ASP B 57 -9.04 -11.04 -3.66
N GLY B 58 -7.92 -10.56 -4.20
CA GLY B 58 -6.65 -11.26 -4.10
C GLY B 58 -6.39 -12.26 -5.19
N SER B 59 -7.37 -12.53 -6.05
CA SER B 59 -7.11 -13.40 -7.19
C SER B 59 -6.14 -12.70 -8.13
N ILE B 60 -5.38 -13.50 -8.88
CA ILE B 60 -4.52 -12.95 -9.92
C ILE B 60 -5.24 -13.09 -11.24
N LYS B 61 -5.36 -12.00 -11.97
CA LYS B 61 -6.12 -11.95 -13.20
C LYS B 61 -5.19 -11.59 -14.36
N GLN B 62 -5.70 -11.80 -15.57
CA GLN B 62 -4.96 -11.57 -16.80
C GLN B 62 -5.80 -10.72 -17.73
N ALA B 63 -5.19 -9.68 -18.28
CA ALA B 63 -5.76 -8.92 -19.39
C ALA B 63 -4.99 -9.31 -20.64
N ARG B 64 -5.71 -9.82 -21.64
CA ARG B 64 -5.09 -10.26 -22.90
C ARG B 64 -5.64 -9.39 -24.02
N TRP B 65 -4.74 -8.78 -24.78
CA TRP B 65 -5.14 -7.98 -25.93
C TRP B 65 -4.84 -8.75 -27.21
N TYR B 66 -5.86 -8.91 -28.05
CA TYR B 66 -5.70 -9.43 -29.41
C TYR B 66 -6.86 -8.81 -30.19
N GLY B 67 -6.65 -7.55 -30.60
CA GLY B 67 -7.70 -6.75 -31.21
C GLY B 67 -8.61 -6.09 -30.20
N GLU B 68 -8.72 -6.70 -29.02
CA GLU B 68 -9.53 -6.17 -27.92
C GLU B 68 -8.98 -6.78 -26.64
N TRP B 69 -9.30 -6.15 -25.51
CA TRP B 69 -8.89 -6.68 -24.21
C TRP B 69 -9.93 -7.66 -23.68
N VAL B 70 -9.45 -8.80 -23.17
CA VAL B 70 -10.26 -9.81 -22.52
C VAL B 70 -9.68 -10.11 -21.14
N ILE B 71 -10.52 -10.08 -20.11
CA ILE B 71 -10.11 -10.33 -18.73
C ILE B 71 -10.43 -11.76 -18.34
N SER B 72 -9.48 -12.42 -17.68
CA SER B 72 -9.69 -13.77 -17.16
C SER B 72 -9.01 -13.88 -15.80
N THR B 73 -9.33 -14.95 -15.07
CA THR B 73 -8.71 -15.22 -13.78
C THR B 73 -7.77 -16.40 -13.91
N VAL B 74 -6.51 -16.23 -13.49
CA VAL B 74 -5.54 -17.30 -13.59
C VAL B 74 -5.22 -17.94 -12.25
N LEU B 75 -5.33 -17.22 -11.14
CA LEU B 75 -5.08 -17.79 -9.82
C LEU B 75 -6.20 -17.39 -8.88
N ALA B 76 -6.80 -18.38 -8.22
CA ALA B 76 -7.94 -18.12 -7.35
C ALA B 76 -7.52 -17.37 -6.10
N PRO B 77 -8.45 -16.70 -5.42
CA PRO B 77 -8.14 -16.15 -4.09
C PRO B 77 -7.51 -17.21 -3.19
N GLY B 78 -6.49 -16.80 -2.43
CA GLY B 78 -5.80 -17.68 -1.53
C GLY B 78 -4.49 -18.22 -2.05
N LYS B 79 -4.27 -18.17 -3.37
CA LYS B 79 -3.00 -18.64 -3.91
C LYS B 79 -1.88 -17.63 -3.64
N ALA B 80 -2.19 -16.34 -3.74
CA ALA B 80 -1.17 -15.29 -3.68
C ALA B 80 -1.31 -14.45 -2.42
N LEU B 81 -0.16 -14.03 -1.89
CA LEU B 81 -0.12 -12.98 -0.89
C LEU B 81 -0.97 -11.78 -1.31
N GLN B 82 -1.72 -11.20 -0.37
CA GLN B 82 -2.38 -9.94 -0.68
C GLN B 82 -1.32 -8.86 -0.82
N GLY B 83 -1.22 -8.26 -2.02
CA GLY B 83 -0.13 -7.39 -2.36
C GLY B 83 1.09 -8.07 -2.92
N THR B 84 0.94 -9.27 -3.47
CA THR B 84 2.07 -10.00 -4.02
C THR B 84 2.78 -9.20 -5.11
N PRO B 85 4.09 -9.32 -5.23
CA PRO B 85 4.76 -8.89 -6.46
C PRO B 85 4.47 -9.87 -7.58
N LEU B 86 4.73 -9.42 -8.82
CA LEU B 86 4.52 -10.24 -10.01
C LEU B 86 5.61 -9.97 -11.03
N THR B 87 6.06 -11.04 -11.70
CA THR B 87 6.95 -10.85 -12.85
C THR B 87 6.74 -12.03 -13.79
N ALA B 88 6.94 -11.80 -15.10
CA ALA B 88 6.55 -12.79 -16.12
C ALA B 88 7.68 -13.10 -17.08
N LEU B 89 7.65 -14.31 -17.64
CA LEU B 89 8.52 -14.77 -18.71
C LEU B 89 7.70 -15.24 -19.91
N LEU B 90 8.28 -15.12 -21.10
CA LEU B 90 7.65 -15.57 -22.34
C LEU B 90 8.75 -16.03 -23.28
N TRP B 91 8.65 -17.27 -23.78
CA TRP B 91 9.62 -17.72 -24.78
C TRP B 91 8.96 -18.75 -25.67
N GLY B 92 9.73 -19.27 -26.64
CA GLY B 92 9.27 -20.39 -27.44
C GLY B 92 9.28 -20.29 -28.96
N PRO B 93 9.32 -19.08 -29.55
CA PRO B 93 9.50 -17.69 -29.11
C PRO B 93 8.34 -17.10 -28.31
N GLN B 94 7.10 -17.59 -28.45
CA GLN B 94 6.01 -16.90 -27.77
C GLN B 94 4.85 -17.85 -27.47
N ASP B 95 5.17 -19.07 -27.04
CA ASP B 95 4.14 -20.05 -26.71
C ASP B 95 4.27 -20.61 -25.30
N THR B 96 5.19 -20.11 -24.50
CA THR B 96 5.45 -20.66 -23.17
C THR B 96 5.57 -19.47 -22.22
N VAL B 97 4.68 -19.43 -21.22
CA VAL B 97 4.53 -18.29 -20.33
C VAL B 97 4.74 -18.73 -18.88
N ARG B 98 5.43 -17.91 -18.10
CA ARG B 98 5.57 -18.14 -16.67
C ARG B 98 5.25 -16.86 -15.93
N LEU B 99 4.55 -17.00 -14.80
CA LEU B 99 4.26 -15.88 -13.90
C LEU B 99 4.72 -16.24 -12.51
N TYR B 100 5.56 -15.40 -11.91
CA TYR B 100 6.09 -15.63 -10.57
C TYR B 100 5.41 -14.68 -9.60
N TYR B 101 5.13 -15.20 -8.41
CA TYR B 101 4.39 -14.47 -7.37
C TYR B 101 4.79 -15.06 -6.03
N LEU B 102 4.26 -14.48 -4.95
CA LEU B 102 4.51 -15.01 -3.62
C LEU B 102 3.25 -15.62 -3.03
N SER B 103 3.43 -16.74 -2.32
CA SER B 103 2.35 -17.32 -1.51
C SER B 103 2.07 -16.42 -0.30
N PRO B 104 0.96 -16.65 0.40
CA PRO B 104 0.71 -15.90 1.65
C PRO B 104 1.74 -16.19 2.74
N GLN B 105 2.58 -17.23 2.58
CA GLN B 105 3.69 -17.53 3.47
C GLN B 105 5.02 -17.05 2.92
N PHE B 106 4.99 -16.16 1.92
CA PHE B 106 6.19 -15.52 1.39
C PHE B 106 7.15 -16.52 0.76
N GLU B 107 6.62 -17.50 0.06
CA GLU B 107 7.42 -18.44 -0.71
C GLU B 107 7.25 -18.19 -2.20
N LEU B 108 8.34 -18.34 -2.95
CA LEU B 108 8.29 -18.22 -4.40
C LEU B 108 7.28 -19.20 -4.98
N GLN B 109 6.43 -18.72 -5.87
CA GLN B 109 5.49 -19.56 -6.58
C GLN B 109 5.57 -19.28 -8.08
N GLU B 110 5.17 -20.27 -8.86
CA GLU B 110 5.27 -20.19 -10.31
C GLU B 110 3.97 -20.69 -10.95
N TRP B 111 3.41 -19.88 -11.83
CA TRP B 111 2.26 -20.27 -12.66
C TRP B 111 2.77 -20.48 -14.07
N CYS B 112 2.36 -21.59 -14.69
CA CYS B 112 2.83 -21.98 -16.01
C CYS B 112 1.67 -22.01 -16.99
N TRP B 113 1.91 -21.50 -18.20
CA TRP B 113 0.95 -21.59 -19.29
C TRP B 113 1.70 -22.05 -20.52
N ASP B 114 1.40 -23.26 -20.99
CA ASP B 114 2.06 -23.87 -22.14
C ASP B 114 1.06 -23.96 -23.28
N THR B 115 1.43 -23.40 -24.44
CA THR B 115 0.55 -23.46 -25.60
C THR B 115 1.22 -24.01 -26.86
N LYS B 116 2.42 -24.57 -26.76
CA LYS B 116 3.06 -25.16 -27.93
C LYS B 116 2.20 -26.29 -28.48
N ASN B 117 2.21 -26.43 -29.81
CA ASN B 117 1.48 -27.49 -30.51
C ASN B 117 -0.03 -27.39 -30.30
N GLY B 118 -0.54 -26.19 -30.03
CA GLY B 118 -1.97 -26.02 -29.84
C GLY B 118 -2.48 -26.36 -28.46
N ALA B 119 -1.59 -26.60 -27.51
CA ALA B 119 -2.01 -26.90 -26.15
C ALA B 119 -2.56 -25.63 -25.47
N ASP B 120 -3.22 -25.83 -24.34
CA ASP B 120 -3.74 -24.74 -23.51
C ASP B 120 -3.68 -25.23 -22.06
N ASN B 121 -2.46 -25.35 -21.54
CA ASN B 121 -2.24 -25.98 -20.25
C ASN B 121 -1.75 -24.96 -19.23
N LYS B 122 -2.56 -24.73 -18.19
CA LYS B 122 -2.17 -23.92 -17.05
C LYS B 122 -1.95 -24.86 -15.88
N TYR B 123 -0.85 -24.64 -15.17
CA TYR B 123 -0.51 -25.55 -14.08
C TYR B 123 0.49 -24.89 -13.15
N ASP B 124 0.58 -25.43 -11.94
CA ASP B 124 1.58 -24.95 -10.99
C ASP B 124 2.96 -25.46 -11.37
N GLY B 125 3.95 -24.57 -11.29
CA GLY B 125 5.30 -24.93 -11.66
C GLY B 125 6.04 -25.68 -10.58
N ALA B 126 7.18 -26.26 -10.99
CA ALA B 126 8.02 -27.01 -10.06
C ALA B 126 8.69 -26.12 -9.02
N LEU B 127 8.78 -24.81 -9.25
CA LEU B 127 9.41 -23.94 -8.26
C LEU B 127 8.68 -23.99 -6.92
N ASN B 128 7.37 -24.22 -6.93
CA ASN B 128 6.59 -24.23 -5.70
C ASN B 128 7.14 -25.24 -4.71
N ALA B 129 7.60 -26.38 -5.22
CA ALA B 129 8.08 -27.46 -4.35
C ALA B 129 9.39 -27.12 -3.65
N ALA B 130 10.16 -26.16 -4.17
CA ALA B 130 11.41 -25.78 -3.50
C ALA B 130 11.15 -25.04 -2.21
N LYS B 131 9.95 -24.50 -2.02
CA LYS B 131 9.57 -23.78 -0.79
C LYS B 131 10.61 -22.72 -0.41
N VAL B 132 10.89 -21.83 -1.35
CA VAL B 132 11.91 -20.81 -1.17
C VAL B 132 11.28 -19.61 -0.43
N LYS B 133 11.61 -19.46 0.84
CA LYS B 133 11.17 -18.32 1.64
C LYS B 133 11.97 -17.08 1.27
N VAL B 134 11.29 -15.95 1.09
CA VAL B 134 11.95 -14.70 0.74
C VAL B 134 11.60 -13.65 1.78
N ALA B 135 12.28 -12.50 1.73
CA ALA B 135 11.91 -11.41 2.61
C ALA B 135 10.45 -11.05 2.35
N PRO B 136 9.67 -10.74 3.38
CA PRO B 136 8.21 -10.60 3.15
C PRO B 136 7.86 -9.45 2.22
N TYR B 137 8.72 -8.43 2.14
CA TYR B 137 8.56 -7.28 1.26
C TYR B 137 9.31 -7.44 -0.07
N SER B 138 9.82 -8.64 -0.36
CA SER B 138 10.58 -8.85 -1.59
C SER B 138 9.74 -8.55 -2.83
N LYS B 139 10.35 -7.91 -3.82
CA LYS B 139 9.78 -7.89 -5.15
C LYS B 139 10.41 -9.03 -5.96
N LEU B 140 10.04 -9.13 -7.24
CA LEU B 140 10.49 -10.26 -8.05
C LEU B 140 10.90 -9.81 -9.45
N GLY B 141 11.97 -10.42 -9.98
CA GLY B 141 12.31 -10.29 -11.37
C GLY B 141 12.65 -11.66 -11.94
N ALA B 142 12.75 -11.74 -13.26
CA ALA B 142 13.08 -13.02 -13.88
C ALA B 142 13.55 -12.80 -15.31
N VAL B 143 14.40 -13.72 -15.79
CA VAL B 143 14.78 -13.77 -17.19
C VAL B 143 14.80 -15.24 -17.65
N SER B 144 14.79 -15.42 -18.97
CA SER B 144 14.94 -16.73 -19.58
C SER B 144 15.95 -16.66 -20.72
N PHE B 145 16.65 -17.77 -20.95
CA PHE B 145 17.62 -17.80 -22.03
C PHE B 145 17.82 -19.23 -22.49
N GLY B 146 18.38 -19.36 -23.68
CA GLY B 146 18.62 -20.69 -24.24
C GLY B 146 17.38 -21.55 -24.24
N GLY B 147 16.23 -20.96 -24.50
CA GLY B 147 14.96 -21.62 -24.30
C GLY B 147 14.57 -21.63 -22.84
N ALA B 148 14.54 -22.80 -22.22
CA ALA B 148 13.98 -22.93 -20.88
C ALA B 148 15.07 -22.99 -19.80
N ASN B 149 16.04 -22.08 -19.87
CA ASN B 149 16.91 -21.80 -18.74
C ASN B 149 16.36 -20.55 -18.06
N LEU B 150 15.92 -20.70 -16.83
CA LEU B 150 15.18 -19.65 -16.13
C LEU B 150 15.95 -19.15 -14.93
N ARG B 151 15.82 -17.86 -14.67
CA ARG B 151 16.43 -17.22 -13.51
C ARG B 151 15.38 -16.37 -12.83
N VAL B 152 15.18 -16.59 -11.52
CA VAL B 152 14.24 -15.80 -10.72
C VAL B 152 15.03 -15.01 -9.69
N TYR B 153 14.74 -13.71 -9.60
CA TYR B 153 15.45 -12.79 -8.72
C TYR B 153 14.51 -12.28 -7.64
N TYR B 154 15.01 -12.26 -6.42
CA TYR B 154 14.21 -11.92 -5.24
C TYR B 154 15.13 -11.35 -4.18
N GLN B 155 14.52 -10.87 -3.11
CA GLN B 155 15.28 -10.32 -1.99
C GLN B 155 15.24 -11.30 -0.83
N GLY B 156 16.41 -11.71 -0.36
CA GLY B 156 16.49 -12.57 0.79
C GLY B 156 16.25 -11.85 2.10
N THR B 157 16.15 -12.65 3.16
CA THR B 157 15.83 -12.11 4.47
C THR B 157 16.92 -11.18 4.99
N ASN B 158 18.16 -11.31 4.53
CA ASN B 158 19.22 -10.36 4.88
C ASN B 158 19.29 -9.19 3.92
N ASN B 159 18.33 -9.08 3.00
CA ASN B 159 18.10 -7.97 2.07
C ASN B 159 19.02 -7.98 0.87
N LYS B 160 19.93 -8.95 0.74
CA LYS B 160 20.64 -9.10 -0.52
C LYS B 160 19.69 -9.59 -1.62
N LEU B 161 19.99 -9.19 -2.86
CA LEU B 161 19.29 -9.79 -3.99
C LEU B 161 19.87 -11.17 -4.24
N GLU B 162 18.99 -12.11 -4.57
CA GLU B 162 19.29 -13.52 -4.71
C GLU B 162 18.73 -14.08 -6.01
N GLU B 163 19.34 -15.14 -6.49
CA GLU B 163 18.94 -15.78 -7.73
C GLU B 163 18.57 -17.24 -7.46
N TYR B 164 17.50 -17.70 -8.10
CA TYR B 164 17.19 -19.12 -8.20
C TYR B 164 17.24 -19.52 -9.67
N THR B 165 17.72 -20.74 -9.95
CA THR B 165 18.00 -21.15 -11.32
C THR B 165 17.24 -22.42 -11.69
N PHE B 166 16.93 -22.54 -12.98
CA PHE B 166 16.33 -23.73 -13.55
C PHE B 166 16.95 -23.99 -14.91
N GLY B 167 17.26 -25.26 -15.19
CA GLY B 167 17.70 -25.61 -16.52
C GLY B 167 18.74 -26.71 -16.56
N GLY B 168 19.02 -27.21 -17.77
CA GLY B 168 20.02 -28.26 -17.93
C GLY B 168 19.69 -29.53 -17.17
N GLY B 169 18.41 -29.85 -17.02
CA GLY B 169 17.98 -31.05 -16.33
C GLY B 169 18.27 -31.06 -14.85
N GLN B 170 18.62 -29.90 -14.28
CA GLN B 170 19.00 -29.82 -12.87
C GLN B 170 17.82 -29.57 -11.93
N GLY B 171 16.69 -29.12 -12.44
CA GLY B 171 15.62 -28.69 -11.55
C GLY B 171 15.94 -27.31 -10.99
N TRP B 172 15.08 -26.87 -10.06
CA TRP B 172 15.30 -25.57 -9.43
C TRP B 172 16.38 -25.68 -8.36
N LYS B 173 17.36 -24.77 -8.42
CA LYS B 173 18.48 -24.77 -7.50
C LYS B 173 18.83 -23.34 -7.11
N LYS B 174 19.34 -23.16 -5.91
CA LYS B 174 19.83 -21.85 -5.51
C LYS B 174 20.97 -21.41 -6.42
N GLY B 175 20.91 -20.15 -6.84
CA GLY B 175 21.92 -19.55 -7.67
C GLY B 175 22.76 -18.52 -6.94
N ALA B 176 23.18 -17.49 -7.65
CA ALA B 176 24.13 -16.53 -7.09
C ALA B 176 23.45 -15.66 -6.03
N THR B 177 24.28 -15.15 -5.12
CA THR B 177 23.94 -13.96 -4.35
C THR B 177 24.54 -12.76 -5.07
N LEU B 178 23.71 -11.76 -5.34
CA LEU B 178 24.15 -10.67 -6.19
C LEU B 178 24.88 -9.59 -5.39
N PRO B 179 25.73 -8.82 -6.06
CA PRO B 179 26.46 -7.75 -5.37
C PRO B 179 25.55 -6.60 -4.98
N GLY B 180 26.12 -5.68 -4.19
CA GLY B 180 25.42 -4.45 -3.87
C GLY B 180 24.66 -4.53 -2.56
N ASP B 181 24.09 -3.37 -2.19
CA ASP B 181 23.43 -3.16 -0.91
CA ASP B 181 23.42 -3.17 -0.91
C ASP B 181 22.00 -2.68 -1.18
N PRO B 182 21.07 -3.60 -1.43
CA PRO B 182 19.72 -3.18 -1.85
C PRO B 182 18.87 -2.65 -0.71
N LEU B 183 18.08 -1.63 -1.03
CA LEU B 183 17.08 -1.13 -0.09
C LEU B 183 16.11 -2.27 0.26
N PRO B 184 15.80 -2.48 1.53
CA PRO B 184 14.76 -3.46 1.86
C PRO B 184 13.46 -3.09 1.18
N GLY B 185 12.90 -4.06 0.45
CA GLY B 185 11.65 -3.83 -0.26
C GLY B 185 11.79 -3.17 -1.61
N THR B 186 13.02 -2.99 -2.09
CA THR B 186 13.23 -2.31 -3.37
C THR B 186 12.43 -2.97 -4.48
N TYR B 187 11.88 -2.15 -5.37
CA TYR B 187 11.41 -2.71 -6.63
C TYR B 187 12.62 -3.22 -7.41
N ILE B 188 12.40 -4.27 -8.20
CA ILE B 188 13.49 -4.82 -9.00
C ILE B 188 12.95 -5.20 -10.37
N SER B 189 13.83 -5.16 -11.37
CA SER B 189 13.41 -5.49 -12.72
C SER B 189 14.62 -6.01 -13.48
N PHE B 190 14.51 -7.23 -14.01
CA PHE B 190 15.62 -7.87 -14.70
C PHE B 190 15.25 -8.14 -16.15
N VAL B 191 16.21 -7.92 -17.05
CA VAL B 191 16.02 -8.12 -18.47
C VAL B 191 17.20 -8.92 -19.01
N ASN B 192 16.97 -9.56 -20.16
CA ASN B 192 18.01 -10.28 -20.89
C ASN B 192 18.18 -9.58 -22.24
N ARG B 193 19.36 -9.00 -22.44
CA ARG B 193 19.66 -8.28 -23.66
C ARG B 193 19.85 -9.19 -24.87
N ASN B 194 20.17 -10.47 -24.64
CA ASN B 194 20.33 -11.41 -25.75
C ASN B 194 19.00 -12.10 -26.05
N LYS B 195 18.94 -12.73 -27.22
CA LYS B 195 17.70 -13.32 -27.71
C LYS B 195 17.29 -14.53 -26.87
N TRP B 196 16.00 -14.84 -26.91
CA TRP B 196 15.42 -15.83 -25.98
C TRP B 196 16.06 -17.20 -26.13
N ASP B 197 16.52 -17.54 -27.34
CA ASP B 197 17.10 -18.85 -27.59
C ASP B 197 18.63 -18.83 -27.58
N ALA B 198 19.24 -17.73 -27.18
CA ALA B 198 20.69 -17.61 -27.16
C ALA B 198 21.25 -17.97 -25.79
N ASN B 199 22.49 -18.43 -25.78
CA ASN B 199 23.19 -18.88 -24.59
C ASN B 199 24.67 -18.60 -24.83
N PRO B 200 25.33 -17.77 -24.02
CA PRO B 200 24.91 -17.16 -22.75
C PRO B 200 23.98 -15.96 -22.88
N PRO B 201 23.31 -15.62 -21.78
CA PRO B 201 22.48 -14.41 -21.74
C PRO B 201 23.34 -13.19 -21.46
N SER B 202 22.71 -12.02 -21.50
CA SER B 202 23.34 -10.76 -21.10
C SER B 202 22.34 -10.06 -20.18
N ILE B 203 22.53 -10.22 -18.87
CA ILE B 203 21.48 -9.91 -17.90
C ILE B 203 21.73 -8.55 -17.27
N ARG B 204 20.66 -7.75 -17.14
CA ARG B 204 20.70 -6.50 -16.42
C ARG B 204 19.56 -6.47 -15.40
N GLY B 205 19.86 -6.02 -14.20
CA GLY B 205 18.84 -5.83 -13.18
C GLY B 205 18.91 -4.43 -12.63
N TYR B 206 17.74 -3.85 -12.36
CA TYR B 206 17.67 -2.51 -11.84
C TYR B 206 16.98 -2.51 -10.48
N PHE B 207 17.53 -1.73 -9.54
CA PHE B 207 17.06 -1.76 -8.16
C PHE B 207 17.47 -0.47 -7.48
N GLN B 208 16.95 -0.27 -6.27
CA GLN B 208 17.27 0.89 -5.44
C GLN B 208 18.14 0.44 -4.27
N THR B 209 19.19 1.22 -3.98
CA THR B 209 20.13 0.87 -2.92
C THR B 209 19.72 1.48 -1.58
N VAL B 210 20.44 1.10 -0.53
CA VAL B 210 20.15 1.63 0.81
C VAL B 210 20.40 3.13 0.90
N THR B 211 21.11 3.73 -0.06
CA THR B 211 21.29 5.17 -0.05
C THR B 211 20.17 5.91 -0.78
N GLY B 212 19.28 5.19 -1.45
CA GLY B 212 18.25 5.81 -2.26
C GLY B 212 18.57 5.90 -3.74
N SER B 213 19.84 5.69 -4.11
CA SER B 213 20.23 5.71 -5.51
C SER B 213 19.63 4.52 -6.25
N LEU B 214 19.54 4.65 -7.57
CA LEU B 214 19.22 3.51 -8.42
C LEU B 214 20.53 2.92 -8.93
N ALA B 215 20.58 1.60 -9.04
CA ALA B 215 21.80 0.90 -9.37
C ALA B 215 21.46 -0.23 -10.33
N GLU B 216 22.51 -0.87 -10.88
CA GLU B 216 22.35 -1.84 -11.94
C GLU B 216 23.16 -3.10 -11.63
N GLN B 217 22.50 -4.25 -11.71
CA GLN B 217 23.17 -5.56 -11.69
C GLN B 217 23.52 -5.96 -13.12
N VAL B 218 24.73 -6.50 -13.30
CA VAL B 218 25.21 -6.92 -14.62
C VAL B 218 25.70 -8.35 -14.52
N TRP B 219 25.19 -9.23 -15.38
CA TRP B 219 25.82 -10.53 -15.58
C TRP B 219 26.29 -10.65 -17.02
N GLU B 220 27.57 -10.94 -17.18
CA GLU B 220 28.17 -11.38 -18.43
C GLU B 220 29.05 -12.57 -18.08
N THR B 221 29.54 -13.28 -19.10
CA THR B 221 30.48 -14.36 -18.82
C THR B 221 31.58 -13.83 -17.91
N GLY B 222 31.82 -14.53 -16.81
CA GLY B 222 32.73 -14.08 -15.78
C GLY B 222 32.06 -13.73 -14.47
N GLY B 223 30.78 -13.42 -14.48
CA GLY B 223 30.01 -13.35 -13.26
C GLY B 223 29.33 -12.00 -13.09
N TRP B 224 28.76 -11.82 -11.89
CA TRP B 224 27.98 -10.64 -11.57
C TRP B 224 28.86 -9.47 -11.15
N ARG B 225 28.43 -8.26 -11.52
CA ARG B 225 29.07 -7.05 -11.05
C ARG B 225 28.04 -5.94 -11.04
N ILE B 226 28.36 -4.86 -10.34
CA ILE B 226 27.54 -3.65 -10.36
C ILE B 226 27.86 -2.86 -11.62
N GLY B 227 26.82 -2.40 -12.32
CA GLY B 227 26.97 -1.77 -13.61
C GLY B 227 27.16 -0.26 -13.54
N GLN B 228 27.24 0.35 -14.72
CA GLN B 228 27.54 1.78 -14.81
CA GLN B 228 27.52 1.77 -14.91
C GLN B 228 26.29 2.65 -14.70
N PHE B 229 25.10 2.09 -14.81
CA PHE B 229 23.88 2.86 -14.63
C PHE B 229 23.76 3.30 -13.18
N VAL B 230 23.80 4.62 -12.94
CA VAL B 230 23.72 5.18 -11.60
C VAL B 230 22.77 6.38 -11.65
N ILE B 231 21.70 6.33 -10.87
CA ILE B 231 20.86 7.49 -10.60
C ILE B 231 21.09 7.87 -9.14
N PRO B 232 21.73 9.01 -8.85
CA PRO B 232 22.16 9.26 -7.47
C PRO B 232 21.02 9.42 -6.48
N ALA B 233 19.83 9.86 -6.91
CA ALA B 233 18.72 10.06 -5.98
C ALA B 233 17.41 9.75 -6.68
N ALA B 234 16.51 9.05 -5.97
CA ALA B 234 15.19 8.73 -6.48
C ALA B 234 14.24 8.68 -5.30
N PRO B 235 12.92 8.75 -5.54
CA PRO B 235 11.99 8.67 -4.41
C PRO B 235 12.10 7.35 -3.68
N PHE B 236 11.78 7.40 -2.38
CA PHE B 236 11.86 6.22 -1.53
C PHE B 236 10.91 5.14 -2.03
N LEU B 237 11.45 3.94 -2.24
CA LEU B 237 10.69 2.80 -2.76
C LEU B 237 9.99 3.16 -4.07
N THR B 238 10.70 3.85 -4.96
CA THR B 238 10.10 4.17 -6.25
C THR B 238 9.87 2.89 -7.06
N PRO B 239 8.71 2.75 -7.69
CA PRO B 239 8.52 1.65 -8.65
C PRO B 239 9.58 1.73 -9.73
N ILE B 240 10.04 0.56 -10.17
CA ILE B 240 11.05 0.43 -11.23
C ILE B 240 10.60 -0.65 -12.19
N SER B 241 10.73 -0.40 -13.50
CA SER B 241 10.50 -1.46 -14.48
C SER B 241 11.35 -1.21 -15.71
N ALA B 242 12.01 -2.26 -16.20
CA ALA B 242 12.86 -2.16 -17.36
C ALA B 242 12.41 -3.14 -18.44
N THR B 243 12.74 -2.81 -19.69
CA THR B 243 12.46 -3.71 -20.79
C THR B 243 13.54 -3.55 -21.85
N VAL B 244 13.77 -4.59 -22.63
CA VAL B 244 14.80 -4.51 -23.66
C VAL B 244 14.31 -5.22 -24.91
N SER B 245 14.64 -4.64 -26.08
CA SER B 245 14.41 -5.26 -27.37
C SER B 245 15.41 -4.63 -28.34
N PRO B 246 15.86 -5.36 -29.36
CA PRO B 246 16.90 -4.80 -30.25
C PRO B 246 16.32 -3.72 -31.16
N GLU B 247 17.00 -2.58 -31.20
CA GLU B 247 16.68 -1.54 -32.16
C GLU B 247 17.81 -1.47 -33.17
N LYS B 248 17.48 -1.64 -34.45
CA LYS B 248 18.47 -1.70 -35.52
C LYS B 248 19.61 -2.64 -35.11
N ASP B 249 19.22 -3.82 -34.61
CA ASP B 249 20.08 -4.95 -34.27
C ASP B 249 20.94 -4.74 -33.02
N PHE B 250 20.67 -3.72 -32.20
CA PHE B 250 21.41 -3.53 -30.96
C PHE B 250 20.44 -3.40 -29.80
N PRO B 251 20.65 -4.10 -28.68
CA PRO B 251 19.67 -4.08 -27.58
C PRO B 251 19.42 -2.67 -27.08
N LYS B 252 18.15 -2.28 -27.05
CA LYS B 252 17.74 -0.98 -26.51
C LYS B 252 17.03 -1.24 -25.19
N ILE B 253 17.66 -0.81 -24.10
CA ILE B 253 17.08 -0.93 -22.77
C ILE B 253 16.31 0.34 -22.46
N HIS B 254 15.07 0.19 -21.98
CA HIS B 254 14.29 1.28 -21.40
C HIS B 254 14.15 0.97 -19.91
N VAL B 255 14.59 1.91 -19.07
CA VAL B 255 14.44 1.80 -17.61
C VAL B 255 13.49 2.89 -17.15
N TYR B 256 12.44 2.51 -16.42
CA TYR B 256 11.42 3.45 -15.96
C TYR B 256 11.34 3.46 -14.44
N TRP B 257 11.17 4.65 -13.88
CA TRP B 257 10.89 4.81 -12.45
C TRP B 257 10.05 6.07 -12.29
N LEU B 258 9.70 6.40 -11.04
CA LEU B 258 8.83 7.54 -10.80
C LEU B 258 9.61 8.69 -10.18
N SER B 259 9.27 9.90 -10.59
CA SER B 259 9.76 11.13 -10.02
C SER B 259 9.06 11.42 -8.69
N VAL B 260 9.52 12.46 -7.99
CA VAL B 260 8.82 12.88 -6.77
C VAL B 260 7.41 13.36 -7.06
N GLU B 261 7.12 13.76 -8.31
CA GLU B 261 5.77 14.09 -8.70
C GLU B 261 4.97 12.88 -9.12
N SER B 262 5.55 11.68 -8.99
CA SER B 262 4.97 10.43 -9.48
C SER B 262 4.70 10.50 -10.98
N THR B 263 5.55 11.19 -11.74
CA THR B 263 5.55 11.06 -13.19
C THR B 263 6.60 10.04 -13.61
N ILE B 264 6.43 9.48 -14.80
CA ILE B 264 7.29 8.39 -15.24
C ILE B 264 8.53 8.95 -15.90
N ILE B 265 9.69 8.53 -15.39
CA ILE B 265 10.99 8.92 -15.91
CA ILE B 265 11.00 8.91 -15.90
C ILE B 265 11.57 7.73 -16.66
N GLU B 266 12.18 8.01 -17.81
CA GLU B 266 12.75 6.99 -18.69
C GLU B 266 14.23 7.27 -18.92
N SER B 267 15.06 6.23 -18.83
CA SER B 267 16.44 6.29 -19.28
CA SER B 267 16.44 6.26 -19.25
C SER B 267 16.66 5.17 -20.29
N VAL B 268 17.29 5.51 -21.41
CA VAL B 268 17.50 4.57 -22.50
C VAL B 268 18.98 4.21 -22.58
N ASN B 269 19.27 2.93 -22.71
CA ASN B 269 20.61 2.48 -23.07
C ASN B 269 20.57 1.95 -24.49
N TRP B 270 21.31 2.59 -25.38
CA TRP B 270 21.42 2.15 -26.77
C TRP B 270 22.66 2.83 -27.33
N HIS B 271 23.76 2.08 -27.43
CA HIS B 271 25.06 2.65 -27.69
C HIS B 271 25.35 3.77 -26.69
N GLY B 272 25.24 3.42 -25.41
CA GLY B 272 25.45 4.34 -24.30
C GLY B 272 24.14 4.74 -23.63
N TRP B 273 24.26 5.17 -22.38
CA TRP B 273 23.11 5.69 -21.65
C TRP B 273 22.77 7.11 -22.08
N LYS B 274 21.49 7.39 -22.25
CA LYS B 274 21.00 8.74 -22.49
C LYS B 274 20.47 9.33 -21.19
N ALA B 275 20.38 10.66 -21.17
CA ALA B 275 19.93 11.35 -19.97
C ALA B 275 18.50 10.95 -19.63
N PRO B 276 18.15 10.87 -18.34
CA PRO B 276 16.77 10.57 -17.97
C PRO B 276 15.83 11.67 -18.44
N LYS B 277 14.61 11.26 -18.79
CA LYS B 277 13.63 12.18 -19.37
C LYS B 277 12.23 11.77 -18.92
N GLN B 278 11.42 12.76 -18.56
CA GLN B 278 10.03 12.50 -18.20
C GLN B 278 9.22 12.24 -19.46
N ILE B 279 8.49 11.12 -19.52
CA ILE B 279 7.83 10.78 -20.78
C ILE B 279 6.52 11.55 -20.95
N ASP B 280 5.87 11.93 -19.86
CA ASP B 280 4.71 12.81 -19.86
C ASP B 280 4.58 13.35 -18.45
N ASN B 281 3.78 14.40 -18.29
CA ASN B 281 3.69 15.08 -17.01
C ASN B 281 2.45 14.69 -16.20
N ILE B 282 1.89 13.51 -16.43
CA ILE B 282 0.70 13.04 -15.71
C ILE B 282 1.14 12.20 -14.52
N SER B 283 0.67 12.57 -13.33
CA SER B 283 1.02 11.84 -12.11
C SER B 283 0.23 10.54 -12.04
N VAL B 284 0.95 9.41 -12.00
CA VAL B 284 0.29 8.13 -11.82
C VAL B 284 0.20 7.88 -10.31
N VAL B 285 -0.49 6.82 -9.91
CA VAL B 285 -0.45 6.40 -8.52
C VAL B 285 0.93 5.83 -8.24
N LYS B 286 1.54 6.26 -7.13
CA LYS B 286 2.86 5.73 -6.78
C LYS B 286 2.70 4.26 -6.40
N ALA B 287 2.91 3.38 -7.37
CA ALA B 287 2.61 1.96 -7.25
C ALA B 287 3.25 1.28 -8.44
N ASP B 288 3.31 -0.06 -8.38
CA ASP B 288 4.08 -0.84 -9.34
C ASP B 288 3.70 -0.49 -10.78
N ILE B 289 4.72 -0.43 -11.65
CA ILE B 289 4.53 -0.30 -13.08
C ILE B 289 5.18 -1.50 -13.76
N SER B 290 4.84 -1.70 -15.04
CA SER B 290 5.39 -2.83 -15.80
C SER B 290 5.57 -2.40 -17.25
N ALA B 291 6.79 -2.47 -17.74
CA ALA B 291 7.09 -2.11 -19.13
C ALA B 291 7.43 -3.36 -19.93
N THR B 292 7.05 -3.32 -21.21
CA THR B 292 7.38 -4.42 -22.13
C THR B 292 7.62 -3.79 -23.51
N SER B 293 8.29 -4.55 -24.38
CA SER B 293 8.70 -3.97 -25.66
C SER B 293 8.88 -5.08 -26.68
N PHE B 294 8.82 -4.69 -27.96
CA PHE B 294 9.10 -5.62 -29.06
C PHE B 294 9.66 -4.82 -30.23
N THR B 295 10.29 -5.53 -31.15
CA THR B 295 10.91 -4.95 -32.34
C THR B 295 10.05 -5.24 -33.57
N ARG B 296 9.72 -4.18 -34.31
CA ARG B 296 8.99 -4.35 -35.55
C ARG B 296 9.90 -4.89 -36.65
N ASP B 297 9.27 -5.35 -37.74
CA ASP B 297 10.04 -5.84 -38.89
C ASP B 297 11.02 -4.79 -39.39
N ASP B 298 10.72 -3.50 -39.23
CA ASP B 298 11.62 -2.45 -39.72
C ASP B 298 12.73 -2.10 -38.72
N GLY B 299 12.84 -2.83 -37.61
CA GLY B 299 13.93 -2.63 -36.68
C GLY B 299 13.70 -1.58 -35.61
N THR B 300 12.51 -0.98 -35.55
CA THR B 300 12.20 -0.02 -34.51
C THR B 300 11.49 -0.70 -33.34
N VAL B 301 11.59 -0.09 -32.16
CA VAL B 301 11.15 -0.72 -30.92
C VAL B 301 9.94 0.03 -30.36
N ASP B 302 8.84 -0.69 -30.20
CA ASP B 302 7.63 -0.26 -29.49
C ASP B 302 7.77 -0.56 -28.00
N VAL B 303 7.19 0.31 -27.16
CA VAL B 303 7.13 0.09 -25.72
C VAL B 303 5.68 0.19 -25.27
N ARG B 304 5.31 -0.63 -24.28
CA ARG B 304 4.05 -0.45 -23.54
C ARG B 304 4.38 -0.38 -22.06
N ILE B 305 3.72 0.53 -21.34
CA ILE B 305 3.83 0.57 -19.89
C ILE B 305 2.44 0.44 -19.29
N TYR B 306 2.32 -0.41 -18.29
CA TYR B 306 1.10 -0.62 -17.52
C TYR B 306 1.33 -0.22 -16.08
N GLY B 307 0.26 0.24 -15.43
CA GLY B 307 0.36 0.61 -14.03
C GLY B 307 -0.97 1.15 -13.57
N THR B 308 -0.96 1.85 -12.42
CA THR B 308 -2.17 2.43 -11.86
C THR B 308 -2.20 3.94 -12.11
N ALA B 309 -3.28 4.40 -12.76
CA ALA B 309 -3.54 5.82 -12.93
C ALA B 309 -4.62 6.27 -11.95
N GLN B 310 -4.69 7.58 -11.72
CA GLN B 310 -5.76 8.13 -10.87
C GLN B 310 -7.11 7.79 -11.48
N LEU B 311 -8.08 7.43 -10.63
CA LEU B 311 -7.89 7.26 -9.19
C LEU B 311 -7.47 5.83 -8.85
N ASN B 312 -8.05 4.84 -9.54
CA ASN B 312 -7.51 3.46 -9.47
C ASN B 312 -7.92 2.76 -10.76
N VAL B 313 -7.16 3.00 -11.82
CA VAL B 313 -7.43 2.40 -13.11
C VAL B 313 -6.14 1.83 -13.69
N LEU B 314 -6.28 0.74 -14.44
CA LEU B 314 -5.16 0.13 -15.14
C LEU B 314 -4.89 0.93 -16.41
N PHE B 315 -3.76 1.63 -16.47
CA PHE B 315 -3.43 2.42 -17.65
C PHE B 315 -2.56 1.63 -18.62
N GLU B 316 -2.62 2.04 -19.88
CA GLU B 316 -1.66 1.62 -20.90
C GLU B 316 -1.11 2.86 -21.58
N ARG B 317 0.21 3.03 -21.51
CA ARG B 317 0.94 4.04 -22.25
C ARG B 317 1.65 3.38 -23.43
N ILE B 318 1.61 4.03 -24.59
CA ILE B 318 2.05 3.42 -25.85
C ILE B 318 3.15 4.26 -26.48
N PHE B 319 4.30 3.64 -26.69
CA PHE B 319 5.36 4.22 -27.52
C PHE B 319 5.39 3.43 -28.82
N ARG B 320 5.09 4.09 -29.93
CA ARG B 320 4.86 3.40 -31.18
C ARG B 320 5.34 4.31 -32.31
N TYR B 321 6.15 3.75 -33.20
CA TYR B 321 6.71 4.49 -34.33
C TYR B 321 7.38 5.79 -33.86
N GLY B 322 8.15 5.69 -32.78
CA GLY B 322 9.00 6.76 -32.34
C GLY B 322 8.36 7.86 -31.50
N VAL B 323 7.10 7.72 -31.09
CA VAL B 323 6.44 8.74 -30.29
C VAL B 323 5.63 8.10 -29.17
N TRP B 324 5.54 8.80 -28.04
CA TRP B 324 4.54 8.47 -27.02
C TRP B 324 3.20 8.99 -27.49
N GLU B 325 2.21 8.10 -27.59
CA GLU B 325 0.92 8.52 -28.07
C GLU B 325 0.20 9.32 -26.98
N GLU B 326 -0.52 10.36 -27.41
CA GLU B 326 -1.14 11.26 -26.44
C GLU B 326 -2.33 10.58 -25.76
N LYS B 327 -2.97 9.64 -26.45
CA LYS B 327 -4.07 8.86 -25.89
C LYS B 327 -3.51 7.83 -24.91
N ILE B 328 -3.82 8.00 -23.63
CA ILE B 328 -3.47 7.02 -22.61
C ILE B 328 -4.71 6.18 -22.33
N HIS B 329 -4.60 4.90 -22.61
CA HIS B 329 -5.74 4.00 -22.51
C HIS B 329 -5.98 3.60 -21.05
N SER B 330 -7.19 3.15 -20.78
CA SER B 330 -7.52 2.49 -19.52
C SER B 330 -8.16 1.15 -19.86
N ILE B 331 -7.88 0.14 -19.04
CA ILE B 331 -8.37 -1.22 -19.26
C ILE B 331 -9.27 -1.55 -18.08
N SER B 332 -10.58 -1.64 -18.32
CA SER B 332 -11.50 -1.91 -17.23
C SER B 332 -11.36 -3.35 -16.75
N VAL B 333 -11.29 -3.53 -15.43
CA VAL B 333 -11.15 -4.88 -14.88
C VAL B 333 -12.28 -5.21 -13.91
N GLY B 334 -13.35 -4.43 -13.93
CA GLY B 334 -14.47 -4.68 -13.05
C GLY B 334 -15.28 -3.40 -12.82
N LYS B 335 -16.01 -3.41 -11.72
CA LYS B 335 -16.92 -2.32 -11.41
C LYS B 335 -16.17 -1.03 -11.13
N GLU B 336 -16.78 0.09 -11.50
CA GLU B 336 -16.14 1.40 -11.43
C GLU B 336 -17.13 2.47 -10.99
N ILE B 337 -16.62 3.49 -10.33
CA ILE B 337 -17.43 4.66 -10.05
CA ILE B 337 -17.37 4.68 -9.93
C ILE B 337 -16.65 5.90 -10.48
N PRO B 338 -17.34 6.86 -11.09
CA PRO B 338 -16.70 8.13 -11.44
C PRO B 338 -16.78 9.07 -10.25
N ILE B 339 -15.69 9.79 -10.02
CA ILE B 339 -15.60 10.72 -8.89
C ILE B 339 -15.04 12.05 -9.39
N GLU B 340 -15.64 13.15 -8.95
CA GLU B 340 -15.09 14.46 -9.29
C GLU B 340 -13.80 14.72 -8.52
N VAL B 341 -12.79 15.24 -9.21
CA VAL B 341 -11.49 15.58 -8.62
C VAL B 341 -11.29 17.08 -8.73
N VAL B 342 -10.88 17.71 -7.63
CA VAL B 342 -10.60 19.14 -7.62
C VAL B 342 -9.15 19.39 -7.20
N GLY B 343 -8.49 20.28 -7.90
CA GLY B 343 -7.13 20.66 -7.55
C GLY B 343 -7.13 21.63 -6.38
N VAL B 344 -6.31 21.32 -5.38
CA VAL B 344 -6.24 22.08 -4.14
C VAL B 344 -4.79 22.46 -3.88
N ALA B 345 -4.58 23.71 -3.47
CA ALA B 345 -3.24 24.26 -3.33
C ALA B 345 -2.69 24.18 -1.91
N ALA B 346 -3.54 24.04 -0.90
CA ALA B 346 -3.08 24.03 0.48
C ALA B 346 -3.92 23.04 1.29
N ALA B 347 -3.49 22.81 2.53
CA ALA B 347 -4.20 21.87 3.40
C ALA B 347 -5.64 22.31 3.62
N LEU B 348 -5.85 23.58 3.93
CA LEU B 348 -7.18 24.10 4.19
C LEU B 348 -7.41 25.44 3.48
#